data_5IIC
#
_entry.id   5IIC
#
_cell.length_a   58.330
_cell.length_b   81.640
_cell.length_c   111.630
_cell.angle_alpha   90.00
_cell.angle_beta   99.60
_cell.angle_gamma   90.00
#
_symmetry.space_group_name_H-M   'P 1 21 1'
#
loop_
_entity.id
_entity.type
_entity.pdbx_description
1 polymer 'Maltose-binding periplasmic protein,Vitelline envelope sperm lysin receptor'
2 branched alpha-D-glucopyranose-(1-4)-alpha-D-glucopyranose
3 non-polymer 2-acetamido-2-deoxy-beta-D-glucopyranose
#
_entity_poly.entity_id   1
_entity_poly.type   'polypeptide(L)'
_entity_poly.pdbx_seq_one_letter_code
;ETGTKIEEGKLVIWINGDKGYNGLAEVGKKFEKDTGIKVTVEHPDKLEEKFPQVAATGDGPDIIFWAHDRFGGYAQSGLL
AEITPAAAFQDKLYPFTWDAVRYNGKLIAYPIAVEALSLIYNKDLLPNPPKTWEEIPALDKELKAKGKSALMFNLQEPYF
TWPLIAADGGYAFKYAAGKYDIKDVGVDNAGAKAGLTFLVDLIKNKHMNADTDYSIAEHAFNHGETAMTINGPWAWSNID
TSAVNYGVTVLPTFKGQPSKPFVGVLSAGINAASPNKELAKEFLENYLLTDEGLEAVNKDKPLGAVALKSYEEELVKDPR
VAATMENAQKGEIMPNIPQMSAFWYAVRTAVINAASGRQTVDAALAAAQTNAAADWDVYCSQDESIPAKFISRLVTSKDQ
ALEKTEINCSNGLVPITQEFGINMMLIQYTRNELLDSPGMCVFWGPYSVPKNDTVVLYTVTARLKWSEGPPTNLSIQCYM
PKSPVAPKLEHHHHHH
;
_entity_poly.pdbx_strand_id   A,B
#
loop_
_chem_comp.id
_chem_comp.type
_chem_comp.name
_chem_comp.formula
GLC D-saccharide, alpha linking alpha-D-glucopyranose 'C6 H12 O6'
NAG D-saccharide, beta linking 2-acetamido-2-deoxy-beta-D-glucopyranose 'C8 H15 N O6'
#
# COMPACT_ATOMS: atom_id res chain seq x y z
N THR A 4 5.94 11.47 0.82
CA THR A 4 6.89 10.81 1.70
C THR A 4 7.49 9.58 1.01
N LYS A 5 6.74 8.47 1.03
CA LYS A 5 7.19 7.25 0.38
C LYS A 5 7.13 7.33 -1.14
N ILE A 6 6.53 8.37 -1.70
CA ILE A 6 6.38 8.51 -3.14
C ILE A 6 7.62 9.21 -3.69
N GLU A 7 8.07 8.76 -4.86
CA GLU A 7 9.29 9.27 -5.46
C GLU A 7 9.05 10.66 -6.04
N GLU A 8 9.82 11.65 -5.59
CA GLU A 8 9.68 13.01 -6.07
C GLU A 8 10.37 13.18 -7.41
N GLY A 9 9.90 14.17 -8.17
CA GLY A 9 10.43 14.42 -9.51
C GLY A 9 9.94 13.46 -10.56
N LYS A 10 8.86 12.73 -10.29
CA LYS A 10 8.34 11.74 -11.21
C LYS A 10 6.85 11.62 -10.96
N LEU A 11 6.12 11.17 -11.99
CA LEU A 11 4.68 10.97 -11.91
C LEU A 11 4.36 9.51 -12.16
N VAL A 12 3.72 8.87 -11.18
CA VAL A 12 3.24 7.50 -11.31
C VAL A 12 1.72 7.55 -11.39
N ILE A 13 1.16 6.88 -12.39
CA ILE A 13 -0.27 6.95 -12.69
C ILE A 13 -0.85 5.55 -12.66
N TRP A 14 -2.03 5.41 -12.08
CA TRP A 14 -2.78 4.16 -12.06
C TRP A 14 -4.05 4.34 -12.86
N ILE A 15 -4.34 3.37 -13.72
CA ILE A 15 -5.56 3.39 -14.53
C ILE A 15 -5.95 1.95 -14.83
N ASN A 16 -7.25 1.71 -15.00
CA ASN A 16 -7.76 0.36 -15.19
C ASN A 16 -7.22 -0.24 -16.48
N GLY A 17 -7.22 -1.58 -16.53
CA GLY A 17 -6.65 -2.27 -17.67
C GLY A 17 -7.43 -2.05 -18.95
N ASP A 18 -8.76 -1.97 -18.85
CA ASP A 18 -9.57 -1.78 -20.05
C ASP A 18 -9.32 -0.42 -20.69
N LYS A 19 -8.92 0.57 -19.91
CA LYS A 19 -8.66 1.91 -20.39
C LYS A 19 -7.43 1.94 -21.29
N GLY A 20 -7.26 3.08 -21.96
CA GLY A 20 -6.29 3.31 -23.01
C GLY A 20 -4.90 3.67 -22.52
N TYR A 21 -4.48 3.08 -21.39
CA TYR A 21 -3.26 3.47 -20.70
C TYR A 21 -2.07 3.73 -21.64
N ASN A 22 -1.93 2.95 -22.72
CA ASN A 22 -0.80 3.20 -23.62
C ASN A 22 -0.79 4.64 -24.12
N GLY A 23 -1.90 5.08 -24.69
CA GLY A 23 -1.99 6.47 -25.15
C GLY A 23 -1.62 7.45 -24.07
N LEU A 24 -2.17 7.27 -22.87
CA LEU A 24 -1.81 8.12 -21.74
C LEU A 24 -0.31 8.10 -21.49
N ALA A 25 0.34 6.96 -21.73
CA ALA A 25 1.79 6.88 -21.57
C ALA A 25 2.51 7.64 -22.67
N GLU A 26 1.92 7.70 -23.87
CA GLU A 26 2.48 8.54 -24.92
C GLU A 26 2.37 10.01 -24.53
N VAL A 27 1.22 10.40 -23.97
CA VAL A 27 1.10 11.73 -23.38
C VAL A 27 2.21 11.94 -22.36
N GLY A 28 2.51 10.90 -21.58
CA GLY A 28 3.61 10.99 -20.63
C GLY A 28 4.95 11.17 -21.30
N LYS A 29 5.10 10.63 -22.52
CA LYS A 29 6.32 10.86 -23.29
C LYS A 29 6.41 12.32 -23.71
N LYS A 30 5.28 12.90 -24.12
CA LYS A 30 5.27 14.33 -24.44
C LYS A 30 5.61 15.17 -23.22
N PHE A 31 4.99 14.85 -22.07
CA PHE A 31 5.23 15.62 -20.85
C PHE A 31 6.68 15.48 -20.39
N GLU A 32 7.24 14.28 -20.49
CA GLU A 32 8.63 14.08 -20.13
C GLU A 32 9.56 14.84 -21.07
N LYS A 33 9.26 14.82 -22.37
CA LYS A 33 10.09 15.56 -23.32
C LYS A 33 10.06 17.06 -23.01
N ASP A 34 8.87 17.60 -22.73
CA ASP A 34 8.76 19.04 -22.51
C ASP A 34 9.39 19.44 -21.18
N THR A 35 8.97 18.80 -20.08
CA THR A 35 9.44 19.18 -18.74
C THR A 35 10.58 18.32 -18.23
N GLY A 36 10.96 17.25 -18.94
CA GLY A 36 12.00 16.37 -18.44
C GLY A 36 11.60 15.50 -17.28
N ILE A 37 10.32 15.42 -16.95
CA ILE A 37 9.83 14.61 -15.84
C ILE A 37 9.20 13.34 -16.42
N LYS A 38 9.75 12.19 -16.05
CA LYS A 38 9.24 10.92 -16.53
C LYS A 38 7.87 10.62 -15.95
N VAL A 39 7.03 9.96 -16.74
CA VAL A 39 5.69 9.56 -16.34
C VAL A 39 5.54 8.07 -16.59
N THR A 40 5.27 7.31 -15.53
CA THR A 40 5.09 5.86 -15.62
C THR A 40 3.63 5.52 -15.38
N VAL A 41 3.05 4.78 -16.32
CA VAL A 41 1.63 4.40 -16.26
C VAL A 41 1.54 2.91 -15.97
N GLU A 42 0.77 2.56 -14.95
CA GLU A 42 0.56 1.17 -14.55
C GLU A 42 -0.93 0.91 -14.43
N HIS A 43 -1.30 -0.36 -14.57
CA HIS A 43 -2.70 -0.78 -14.49
C HIS A 43 -2.83 -1.97 -13.55
N PRO A 44 -2.66 -1.75 -12.24
CA PRO A 44 -2.82 -2.85 -11.29
C PRO A 44 -4.22 -3.45 -11.35
N ASP A 45 -4.31 -4.71 -10.91
CA ASP A 45 -5.59 -5.36 -10.75
C ASP A 45 -6.25 -4.91 -9.46
N LYS A 46 -7.57 -4.70 -9.50
CA LYS A 46 -8.32 -4.22 -8.34
C LYS A 46 -7.75 -2.90 -7.82
N LEU A 47 -7.41 -2.00 -8.73
CA LEU A 47 -6.75 -0.76 -8.32
C LEU A 47 -7.66 0.09 -7.44
N GLU A 48 -8.97 0.05 -7.67
CA GLU A 48 -9.89 0.83 -6.85
C GLU A 48 -9.84 0.38 -5.39
N GLU A 49 -9.68 -0.92 -5.17
CA GLU A 49 -9.55 -1.45 -3.81
C GLU A 49 -8.13 -1.33 -3.28
N LYS A 50 -7.12 -1.42 -4.15
CA LYS A 50 -5.73 -1.39 -3.68
C LYS A 50 -5.32 0.01 -3.26
N PHE A 51 -5.80 1.02 -3.98
CA PHE A 51 -5.39 2.40 -3.73
C PHE A 51 -5.63 2.80 -2.28
N PRO A 52 -6.85 2.69 -1.76
CA PRO A 52 -7.08 3.15 -0.38
C PRO A 52 -6.21 2.44 0.65
N GLN A 53 -5.73 1.24 0.36
CA GLN A 53 -4.90 0.52 1.32
C GLN A 53 -3.50 1.12 1.41
N VAL A 54 -2.86 1.33 0.25
CA VAL A 54 -1.48 1.83 0.24
C VAL A 54 -1.45 3.34 0.43
N ALA A 55 -2.47 4.06 -0.03
CA ALA A 55 -2.45 5.52 0.03
C ALA A 55 -2.57 6.03 1.45
N ALA A 56 -3.28 5.32 2.31
CA ALA A 56 -3.33 5.69 3.73
C ALA A 56 -1.95 5.62 4.38
N THR A 57 -1.04 4.82 3.82
CA THR A 57 0.31 4.68 4.34
C THR A 57 1.28 5.68 3.73
N GLY A 58 0.81 6.57 2.85
CA GLY A 58 1.67 7.54 2.21
C GLY A 58 2.26 7.09 0.89
N ASP A 59 2.06 5.84 0.51
CA ASP A 59 2.57 5.31 -0.75
C ASP A 59 1.47 5.38 -1.81
N GLY A 60 1.73 4.76 -2.97
CA GLY A 60 0.78 4.73 -4.04
C GLY A 60 1.16 5.66 -5.17
N PRO A 61 0.30 5.77 -6.18
CA PRO A 61 0.61 6.66 -7.31
C PRO A 61 0.40 8.11 -6.93
N ASP A 62 0.98 8.99 -7.76
CA ASP A 62 0.69 10.41 -7.62
C ASP A 62 -0.69 10.74 -8.20
N ILE A 63 -1.12 10.00 -9.22
CA ILE A 63 -2.41 10.22 -9.86
C ILE A 63 -3.10 8.87 -10.03
N ILE A 64 -4.41 8.85 -9.74
CA ILE A 64 -5.21 7.65 -9.87
C ILE A 64 -6.38 7.94 -10.81
N PHE A 65 -6.60 7.04 -11.77
CA PHE A 65 -7.64 7.20 -12.78
C PHE A 65 -8.76 6.20 -12.51
N TRP A 66 -9.93 6.70 -12.11
CA TRP A 66 -11.08 5.84 -11.89
C TRP A 66 -12.35 6.67 -12.01
N ALA A 67 -13.47 5.96 -12.16
CA ALA A 67 -14.77 6.62 -12.12
C ALA A 67 -14.96 7.33 -10.79
N HIS A 68 -15.72 8.42 -10.83
CA HIS A 68 -15.84 9.30 -9.67
C HIS A 68 -16.53 8.64 -8.48
N ASP A 69 -17.27 7.56 -8.70
CA ASP A 69 -18.08 7.00 -7.61
C ASP A 69 -17.22 6.60 -6.41
N ARG A 70 -16.00 6.13 -6.66
CA ARG A 70 -15.12 5.75 -5.56
C ARG A 70 -14.51 6.96 -4.87
N PHE A 71 -14.29 8.05 -5.61
CA PHE A 71 -13.45 9.14 -5.12
C PHE A 71 -13.96 9.70 -3.79
N GLY A 72 -15.28 9.81 -3.63
CA GLY A 72 -15.81 10.30 -2.37
C GLY A 72 -15.23 9.55 -1.20
N GLY A 73 -15.26 8.22 -1.25
CA GLY A 73 -14.63 7.44 -0.20
C GLY A 73 -13.18 7.86 0.03
N TYR A 74 -12.40 7.90 -1.05
CA TYR A 74 -11.01 8.31 -0.93
C TYR A 74 -10.90 9.67 -0.25
N ALA A 75 -11.83 10.58 -0.55
CA ALA A 75 -11.78 11.90 0.06
C ALA A 75 -12.21 11.87 1.51
N GLN A 76 -13.11 10.95 1.88
CA GLN A 76 -13.54 10.86 3.27
C GLN A 76 -12.39 10.40 4.16
N SER A 77 -11.46 9.63 3.62
CA SER A 77 -10.31 9.15 4.37
C SER A 77 -9.10 10.06 4.25
N GLY A 78 -9.23 11.20 3.57
CA GLY A 78 -8.13 12.13 3.44
C GLY A 78 -7.05 11.69 2.47
N LEU A 79 -7.41 10.85 1.49
CA LEU A 79 -6.45 10.28 0.55
C LEU A 79 -6.35 11.06 -0.75
N LEU A 80 -7.09 12.17 -0.89
CA LEU A 80 -7.12 12.93 -2.13
C LEU A 80 -6.84 14.40 -1.84
N ALA A 81 -5.99 15.00 -2.67
CA ALA A 81 -5.70 16.41 -2.58
C ALA A 81 -6.82 17.23 -3.24
N GLU A 82 -6.98 18.46 -2.77
CA GLU A 82 -7.98 19.34 -3.34
C GLU A 82 -7.50 19.87 -4.69
N ILE A 83 -8.45 20.04 -5.61
CA ILE A 83 -8.16 20.52 -6.96
C ILE A 83 -8.56 21.98 -7.05
N THR A 84 -7.70 22.80 -7.65
CA THR A 84 -7.90 24.24 -7.73
C THR A 84 -7.54 24.73 -9.12
N PRO A 85 -8.33 24.37 -10.12
CA PRO A 85 -8.11 24.89 -11.48
C PRO A 85 -8.67 26.29 -11.63
N ALA A 86 -8.14 27.01 -12.62
CA ALA A 86 -8.62 28.35 -12.90
C ALA A 86 -10.08 28.31 -13.35
N ALA A 87 -10.81 29.39 -13.06
CA ALA A 87 -12.21 29.46 -13.47
C ALA A 87 -12.35 29.27 -14.97
N ALA A 88 -11.46 29.87 -15.75
CA ALA A 88 -11.45 29.63 -17.19
C ALA A 88 -11.34 28.14 -17.48
N PHE A 89 -10.42 27.45 -16.80
CA PHE A 89 -10.27 26.02 -17.01
C PHE A 89 -11.52 25.26 -16.58
N GLN A 90 -12.14 25.68 -15.48
CA GLN A 90 -13.38 25.04 -15.04
C GLN A 90 -14.47 25.17 -16.09
N ASP A 91 -14.51 26.31 -16.79
CA ASP A 91 -15.51 26.49 -17.84
C ASP A 91 -15.23 25.64 -19.06
N LYS A 92 -13.99 25.17 -19.23
CA LYS A 92 -13.65 24.36 -20.40
C LYS A 92 -14.37 23.01 -20.40
N LEU A 93 -14.88 22.57 -19.25
CA LEU A 93 -15.53 21.28 -19.12
C LEU A 93 -16.98 21.46 -18.72
N TYR A 94 -17.79 20.46 -19.04
CA TYR A 94 -19.22 20.53 -18.75
C TYR A 94 -19.44 20.64 -17.24
N PRO A 95 -20.41 21.44 -16.78
CA PRO A 95 -20.58 21.61 -15.34
C PRO A 95 -20.86 20.32 -14.58
N PHE A 96 -21.70 19.44 -15.13
CA PHE A 96 -22.08 18.24 -14.38
C PHE A 96 -20.89 17.33 -14.13
N THR A 97 -19.87 17.39 -15.00
CA THR A 97 -18.64 16.65 -14.74
C THR A 97 -17.96 17.17 -13.48
N TRP A 98 -17.76 18.49 -13.40
CA TRP A 98 -17.21 19.07 -12.18
C TRP A 98 -18.05 18.72 -10.97
N ASP A 99 -19.38 18.64 -11.15
CA ASP A 99 -20.25 18.26 -10.03
C ASP A 99 -20.03 16.80 -9.63
N ALA A 100 -19.61 15.96 -10.57
CA ALA A 100 -19.33 14.56 -10.25
C ALA A 100 -18.14 14.45 -9.31
N VAL A 101 -17.10 15.25 -9.54
CA VAL A 101 -15.86 15.16 -8.79
C VAL A 101 -15.87 16.11 -7.60
N ARG A 102 -17.01 16.75 -7.35
CA ARG A 102 -17.13 17.66 -6.20
C ARG A 102 -17.63 16.88 -4.99
N TYR A 103 -16.89 16.98 -3.89
CA TYR A 103 -17.25 16.29 -2.64
C TYR A 103 -17.07 17.27 -1.49
N ASN A 104 -18.16 17.53 -0.77
CA ASN A 104 -18.13 18.41 0.40
C ASN A 104 -17.57 19.79 0.04
N GLY A 105 -17.90 20.28 -1.15
CA GLY A 105 -17.55 21.61 -1.56
C GLY A 105 -16.22 21.75 -2.27
N LYS A 106 -15.40 20.71 -2.28
CA LYS A 106 -14.10 20.75 -2.94
C LYS A 106 -14.09 19.82 -4.14
N LEU A 107 -13.32 20.21 -5.17
CA LEU A 107 -13.11 19.37 -6.34
C LEU A 107 -11.96 18.43 -6.04
N ILE A 108 -12.24 17.13 -6.02
CA ILE A 108 -11.26 16.12 -5.65
C ILE A 108 -10.63 15.43 -6.85
N ALA A 109 -10.93 15.87 -8.08
CA ALA A 109 -10.36 15.21 -9.25
C ALA A 109 -10.76 15.96 -10.52
N TYR A 110 -10.13 15.58 -11.63
CA TYR A 110 -10.42 16.12 -12.96
C TYR A 110 -11.21 15.08 -13.74
N PRO A 111 -12.40 15.40 -14.28
CA PRO A 111 -13.23 14.39 -14.95
C PRO A 111 -12.86 14.15 -16.41
N ILE A 112 -11.90 13.25 -16.65
CA ILE A 112 -11.41 13.03 -18.02
C ILE A 112 -12.56 12.78 -18.99
N ALA A 113 -13.45 11.84 -18.67
CA ALA A 113 -14.41 11.41 -19.68
C ALA A 113 -15.73 11.01 -19.02
N VAL A 114 -16.69 10.60 -19.86
CA VAL A 114 -18.01 10.16 -19.44
C VAL A 114 -18.23 8.75 -19.98
N GLU A 115 -18.73 7.86 -19.13
CA GLU A 115 -18.89 6.44 -19.45
C GLU A 115 -20.31 6.02 -19.19
N ALA A 116 -20.91 5.36 -20.17
CA ALA A 116 -22.22 4.74 -20.01
C ALA A 116 -22.29 3.53 -20.92
N LEU A 117 -22.93 2.47 -20.42
CA LEU A 117 -23.01 1.23 -21.17
C LEU A 117 -23.98 1.35 -22.35
N SER A 118 -23.68 0.62 -23.42
CA SER A 118 -24.49 0.63 -24.62
C SER A 118 -24.63 -0.79 -25.16
N LEU A 119 -25.58 -0.94 -26.08
CA LEU A 119 -25.88 -2.23 -26.70
C LEU A 119 -25.12 -2.32 -28.02
N ILE A 120 -24.18 -3.26 -28.09
CA ILE A 120 -23.38 -3.48 -29.29
C ILE A 120 -23.90 -4.73 -29.98
N TYR A 121 -24.30 -4.62 -31.23
CA TYR A 121 -24.89 -5.73 -31.96
C TYR A 121 -24.16 -5.94 -33.27
N ASN A 122 -24.32 -7.14 -33.83
CA ASN A 122 -23.73 -7.49 -35.11
C ASN A 122 -24.74 -7.18 -36.21
N LYS A 123 -24.32 -6.37 -37.19
CA LYS A 123 -25.22 -5.98 -38.26
C LYS A 123 -25.64 -7.19 -39.09
N ASP A 124 -24.71 -8.09 -39.39
CA ASP A 124 -25.03 -9.24 -40.24
C ASP A 124 -26.00 -10.19 -39.56
N LEU A 125 -25.78 -10.47 -38.27
CA LEU A 125 -26.62 -11.44 -37.58
C LEU A 125 -28.02 -10.90 -37.34
N LEU A 126 -28.12 -9.69 -36.81
CA LEU A 126 -29.41 -9.08 -36.50
C LEU A 126 -29.63 -7.82 -37.32
N PRO A 127 -30.56 -7.82 -38.29
CA PRO A 127 -30.83 -6.57 -39.01
C PRO A 127 -31.34 -5.46 -38.11
N ASN A 128 -32.29 -5.75 -37.24
CA ASN A 128 -32.88 -4.76 -36.35
C ASN A 128 -32.53 -5.09 -34.91
N PRO A 129 -31.85 -4.22 -34.16
CA PRO A 129 -31.56 -4.52 -32.76
C PRO A 129 -32.85 -4.59 -31.95
N PRO A 130 -32.93 -5.50 -30.97
CA PRO A 130 -34.16 -5.58 -30.17
C PRO A 130 -34.35 -4.32 -29.35
N LYS A 131 -35.56 -3.78 -29.39
CA LYS A 131 -35.91 -2.58 -28.65
C LYS A 131 -36.44 -2.88 -27.25
N THR A 132 -36.57 -4.16 -26.89
CA THR A 132 -37.11 -4.55 -25.60
C THR A 132 -36.39 -5.79 -25.10
N TRP A 133 -36.16 -5.85 -23.79
CA TRP A 133 -35.60 -7.06 -23.20
C TRP A 133 -36.52 -8.26 -23.39
N GLU A 134 -37.84 -8.04 -23.40
CA GLU A 134 -38.79 -9.14 -23.49
C GLU A 134 -38.66 -9.92 -24.79
N GLU A 135 -38.01 -9.35 -25.80
CA GLU A 135 -37.79 -10.04 -27.07
C GLU A 135 -36.55 -10.92 -27.06
N ILE A 136 -35.67 -10.77 -26.07
CA ILE A 136 -34.45 -11.59 -26.02
C ILE A 136 -34.78 -13.07 -25.96
N PRO A 137 -35.66 -13.54 -25.07
CA PRO A 137 -35.88 -15.00 -24.97
C PRO A 137 -36.18 -15.68 -26.30
N ALA A 138 -37.08 -15.11 -27.11
CA ALA A 138 -37.43 -15.73 -28.38
C ALA A 138 -36.22 -15.76 -29.31
N LEU A 139 -35.63 -14.60 -29.58
CA LEU A 139 -34.52 -14.51 -30.53
C LEU A 139 -33.44 -15.54 -30.24
N ASP A 140 -33.05 -15.65 -28.96
CA ASP A 140 -32.04 -16.64 -28.58
C ASP A 140 -32.40 -18.02 -29.11
N LYS A 141 -33.62 -18.48 -28.81
CA LYS A 141 -34.05 -19.80 -29.27
C LYS A 141 -33.86 -19.95 -30.78
N GLU A 142 -34.12 -18.88 -31.53
CA GLU A 142 -33.87 -18.92 -32.97
C GLU A 142 -32.38 -19.04 -33.25
N LEU A 143 -31.58 -18.13 -32.67
CA LEU A 143 -30.14 -18.15 -32.92
C LEU A 143 -29.50 -19.42 -32.38
N LYS A 144 -30.03 -19.97 -31.29
CA LYS A 144 -29.55 -21.24 -30.78
C LYS A 144 -29.64 -22.33 -31.85
N ALA A 145 -30.63 -22.24 -32.74
CA ALA A 145 -30.78 -23.22 -33.81
C ALA A 145 -29.70 -23.07 -34.87
N LYS A 146 -29.12 -21.88 -35.01
CA LYS A 146 -28.05 -21.64 -35.96
C LYS A 146 -26.67 -21.85 -35.34
N GLY A 147 -26.60 -22.24 -34.07
CA GLY A 147 -25.33 -22.34 -33.37
C GLY A 147 -24.86 -21.03 -32.78
N LYS A 148 -25.74 -20.05 -32.65
CA LYS A 148 -25.42 -18.72 -32.15
C LYS A 148 -26.22 -18.45 -30.88
N SER A 149 -26.07 -17.25 -30.34
CA SER A 149 -26.80 -16.83 -29.15
C SER A 149 -27.20 -15.37 -29.30
N ALA A 150 -28.30 -15.00 -28.65
CA ALA A 150 -28.84 -13.66 -28.82
C ALA A 150 -27.98 -12.61 -28.10
N LEU A 151 -27.71 -12.84 -26.81
CA LEU A 151 -27.06 -11.83 -25.99
C LEU A 151 -26.08 -12.49 -25.04
N MET A 152 -24.86 -11.94 -24.98
CA MET A 152 -23.88 -12.32 -23.97
C MET A 152 -23.18 -11.07 -23.47
N PHE A 153 -23.18 -10.88 -22.16
CA PHE A 153 -22.50 -9.75 -21.53
C PHE A 153 -22.10 -10.16 -20.13
N ASN A 154 -21.19 -9.39 -19.53
CA ASN A 154 -20.64 -9.77 -18.24
C ASN A 154 -21.74 -9.68 -17.18
N LEU A 155 -22.01 -10.81 -16.54
CA LEU A 155 -22.98 -10.88 -15.45
C LEU A 155 -22.30 -10.83 -14.08
N GLN A 156 -20.98 -10.81 -14.03
CA GLN A 156 -20.26 -10.86 -12.77
C GLN A 156 -20.21 -9.50 -12.09
N GLU A 157 -20.02 -8.43 -12.85
CA GLU A 157 -19.95 -7.09 -12.28
C GLU A 157 -21.31 -6.43 -12.33
N PRO A 158 -21.85 -5.94 -11.19
CA PRO A 158 -23.18 -5.34 -11.21
C PRO A 158 -23.29 -4.10 -12.07
N TYR A 159 -22.17 -3.50 -12.48
CA TYR A 159 -22.22 -2.36 -13.38
C TYR A 159 -22.95 -2.69 -14.66
N PHE A 160 -22.81 -3.93 -15.14
CA PHE A 160 -23.44 -4.35 -16.39
C PHE A 160 -24.91 -4.74 -16.20
N THR A 161 -25.26 -5.34 -15.07
CA THR A 161 -26.63 -5.78 -14.83
C THR A 161 -27.52 -4.70 -14.24
N TRP A 162 -26.94 -3.61 -13.74
CA TRP A 162 -27.75 -2.57 -13.11
C TRP A 162 -28.71 -1.89 -14.08
N PRO A 163 -28.35 -1.63 -15.34
CA PRO A 163 -29.31 -0.95 -16.24
C PRO A 163 -30.68 -1.62 -16.26
N LEU A 164 -30.72 -2.95 -16.36
CA LEU A 164 -31.99 -3.67 -16.39
C LEU A 164 -32.67 -3.63 -15.03
N ILE A 165 -31.90 -3.74 -13.95
CA ILE A 165 -32.49 -3.80 -12.61
C ILE A 165 -33.13 -2.46 -12.27
N ALA A 166 -32.52 -1.35 -12.67
CA ALA A 166 -33.03 -0.03 -12.35
C ALA A 166 -34.10 0.44 -13.32
N ALA A 167 -34.20 -0.17 -14.50
CA ALA A 167 -35.14 0.30 -15.52
C ALA A 167 -36.55 0.44 -14.96
N ASP A 168 -36.96 -0.50 -14.10
CA ASP A 168 -38.31 -0.56 -13.58
C ASP A 168 -38.48 0.22 -12.29
N GLY A 169 -37.49 1.04 -11.91
CA GLY A 169 -37.53 1.82 -10.69
C GLY A 169 -36.51 1.45 -9.64
N GLY A 170 -35.73 0.38 -9.84
CA GLY A 170 -34.60 0.12 -8.97
C GLY A 170 -33.66 1.31 -8.89
N TYR A 171 -33.28 1.72 -7.68
CA TYR A 171 -32.38 2.86 -7.51
C TYR A 171 -31.45 2.60 -6.34
N ALA A 172 -30.22 3.11 -6.45
CA ALA A 172 -29.22 2.87 -5.41
C ALA A 172 -29.52 3.68 -4.17
N PHE A 173 -29.64 5.00 -4.31
CA PHE A 173 -29.79 5.90 -3.17
C PHE A 173 -30.80 6.99 -3.52
N LYS A 174 -31.66 7.29 -2.55
CA LYS A 174 -32.68 8.31 -2.74
C LYS A 174 -32.10 9.68 -2.46
N TYR A 175 -32.30 10.60 -3.40
CA TYR A 175 -31.81 11.97 -3.28
C TYR A 175 -32.90 12.84 -2.66
N ALA A 176 -32.62 13.39 -1.48
CA ALA A 176 -33.58 14.20 -0.76
C ALA A 176 -32.85 15.33 -0.03
N ALA A 177 -33.45 16.52 -0.04
CA ALA A 177 -32.89 17.67 0.65
C ALA A 177 -31.45 17.96 0.20
N GLY A 178 -31.25 17.95 -1.11
CA GLY A 178 -29.97 18.28 -1.70
C GLY A 178 -28.88 17.29 -1.37
N LYS A 179 -29.24 16.13 -0.82
CA LYS A 179 -28.26 15.12 -0.45
C LYS A 179 -28.85 13.74 -0.61
N TYR A 180 -27.99 12.76 -0.88
CA TYR A 180 -28.43 11.38 -1.00
C TYR A 180 -28.75 10.80 0.38
N ASP A 181 -29.84 10.05 0.45
CA ASP A 181 -30.30 9.47 1.70
C ASP A 181 -29.65 8.10 1.88
N ILE A 182 -28.93 7.94 2.99
CA ILE A 182 -28.19 6.70 3.23
C ILE A 182 -29.13 5.58 3.67
N LYS A 183 -30.15 5.91 4.47
CA LYS A 183 -31.08 4.91 4.97
C LYS A 183 -32.09 4.46 3.92
N ASP A 184 -32.15 5.13 2.77
CA ASP A 184 -33.13 4.82 1.73
C ASP A 184 -32.42 4.10 0.59
N VAL A 185 -32.75 2.81 0.43
CA VAL A 185 -32.14 1.96 -0.59
C VAL A 185 -33.25 1.44 -1.49
N GLY A 186 -33.07 1.60 -2.80
CA GLY A 186 -34.06 1.19 -3.77
C GLY A 186 -33.71 -0.12 -4.47
N VAL A 187 -32.85 -0.91 -3.84
CA VAL A 187 -32.45 -2.19 -4.43
C VAL A 187 -33.52 -3.25 -4.22
N ASP A 188 -34.28 -3.17 -3.14
CA ASP A 188 -35.24 -4.20 -2.76
C ASP A 188 -36.65 -3.89 -3.24
N ASN A 189 -36.84 -2.83 -4.03
CA ASN A 189 -38.17 -2.45 -4.45
C ASN A 189 -38.66 -3.37 -5.57
N ALA A 190 -39.89 -3.10 -6.04
CA ALA A 190 -40.52 -3.96 -7.03
C ALA A 190 -39.79 -3.90 -8.36
N GLY A 191 -39.24 -2.74 -8.72
CA GLY A 191 -38.60 -2.62 -10.02
C GLY A 191 -37.36 -3.47 -10.13
N ALA A 192 -36.47 -3.38 -9.13
CA ALA A 192 -35.29 -4.24 -9.12
C ALA A 192 -35.69 -5.70 -9.12
N LYS A 193 -36.70 -6.06 -8.34
CA LYS A 193 -37.17 -7.46 -8.33
C LYS A 193 -37.60 -7.89 -9.72
N ALA A 194 -38.28 -7.01 -10.46
CA ALA A 194 -38.73 -7.37 -11.79
C ALA A 194 -37.54 -7.57 -12.74
N GLY A 195 -36.60 -6.63 -12.74
CA GLY A 195 -35.46 -6.74 -13.63
C GLY A 195 -34.60 -7.95 -13.33
N LEU A 196 -34.19 -8.10 -12.06
CA LEU A 196 -33.36 -9.24 -11.70
C LEU A 196 -34.11 -10.55 -11.90
N THR A 197 -35.42 -10.56 -11.63
CA THR A 197 -36.20 -11.76 -11.91
C THR A 197 -36.17 -12.09 -13.39
N PHE A 198 -36.20 -11.07 -14.25
CA PHE A 198 -36.15 -11.32 -15.69
C PHE A 198 -34.78 -11.85 -16.11
N LEU A 199 -33.71 -11.34 -15.51
CA LEU A 199 -32.37 -11.87 -15.79
C LEU A 199 -32.28 -13.33 -15.38
N VAL A 200 -32.58 -13.62 -14.11
CA VAL A 200 -32.57 -14.99 -13.62
C VAL A 200 -33.47 -15.87 -14.48
N ASP A 201 -34.52 -15.29 -15.07
CA ASP A 201 -35.37 -16.06 -15.97
C ASP A 201 -34.66 -16.36 -17.28
N LEU A 202 -33.90 -15.39 -17.79
CA LEU A 202 -33.08 -15.65 -18.97
C LEU A 202 -32.05 -16.74 -18.71
N ILE A 203 -31.55 -16.84 -17.47
CA ILE A 203 -30.60 -17.90 -17.16
C ILE A 203 -31.31 -19.23 -17.00
N LYS A 204 -32.44 -19.24 -16.28
CA LYS A 204 -33.18 -20.49 -16.06
C LYS A 204 -33.56 -21.16 -17.37
N ASN A 205 -33.87 -20.35 -18.39
CA ASN A 205 -34.29 -20.85 -19.69
C ASN A 205 -33.12 -21.12 -20.62
N LYS A 206 -31.88 -20.97 -20.12
CA LYS A 206 -30.68 -21.24 -20.91
C LYS A 206 -30.55 -20.28 -22.10
N HIS A 207 -31.12 -19.09 -21.96
CA HIS A 207 -30.87 -18.02 -22.92
C HIS A 207 -29.56 -17.29 -22.63
N MET A 208 -29.03 -17.42 -21.42
CA MET A 208 -27.70 -16.93 -21.08
C MET A 208 -27.11 -17.83 -20.01
N ASN A 209 -25.79 -17.86 -19.94
CA ASN A 209 -25.07 -18.67 -18.97
C ASN A 209 -24.61 -17.80 -17.81
N ALA A 210 -24.90 -18.24 -16.59
CA ALA A 210 -24.59 -17.44 -15.41
C ALA A 210 -23.10 -17.16 -15.26
N ASP A 211 -22.25 -17.92 -15.93
CA ASP A 211 -20.80 -17.76 -15.82
C ASP A 211 -20.23 -16.74 -16.80
N THR A 212 -21.06 -16.17 -17.68
CA THR A 212 -20.57 -15.21 -18.65
C THR A 212 -19.94 -14.02 -17.94
N ASP A 213 -18.70 -13.71 -18.32
CA ASP A 213 -17.98 -12.56 -17.77
C ASP A 213 -17.46 -11.69 -18.91
N TYR A 214 -16.65 -10.68 -18.58
CA TYR A 214 -16.16 -9.77 -19.61
C TYR A 214 -15.41 -10.54 -20.70
N SER A 215 -14.55 -11.47 -20.30
CA SER A 215 -13.75 -12.19 -21.30
C SER A 215 -14.62 -13.13 -22.12
N ILE A 216 -15.53 -13.86 -21.48
CA ILE A 216 -16.38 -14.79 -22.21
C ILE A 216 -17.26 -14.04 -23.19
N ALA A 217 -17.87 -12.93 -22.76
CA ALA A 217 -18.76 -12.17 -23.63
C ALA A 217 -17.99 -11.52 -24.77
N GLU A 218 -16.86 -10.87 -24.45
CA GLU A 218 -16.04 -10.26 -25.49
C GLU A 218 -15.61 -11.30 -26.52
N HIS A 219 -15.19 -12.47 -26.06
CA HIS A 219 -14.77 -13.52 -26.98
C HIS A 219 -15.94 -14.01 -27.82
N ALA A 220 -17.12 -14.17 -27.20
CA ALA A 220 -18.28 -14.66 -27.92
C ALA A 220 -18.70 -13.71 -29.02
N PHE A 221 -18.82 -12.41 -28.68
CA PHE A 221 -19.31 -11.44 -29.65
C PHE A 221 -18.26 -11.14 -30.71
N ASN A 222 -17.02 -10.88 -30.29
CA ASN A 222 -15.98 -10.49 -31.23
C ASN A 222 -15.67 -11.60 -32.23
N HIS A 223 -15.91 -12.85 -31.85
CA HIS A 223 -15.73 -13.98 -32.76
C HIS A 223 -17.03 -14.40 -33.45
N GLY A 224 -18.13 -13.69 -33.21
CA GLY A 224 -19.36 -13.97 -33.91
C GLY A 224 -20.20 -15.08 -33.33
N GLU A 225 -19.93 -15.49 -32.08
CA GLU A 225 -20.72 -16.55 -31.47
C GLU A 225 -22.06 -16.04 -30.95
N THR A 226 -22.12 -14.78 -30.51
CA THR A 226 -23.36 -14.18 -30.05
C THR A 226 -23.68 -12.97 -30.90
N ALA A 227 -24.98 -12.68 -31.02
CA ALA A 227 -25.44 -11.57 -31.85
C ALA A 227 -25.28 -10.21 -31.16
N MET A 228 -25.27 -10.17 -29.84
CA MET A 228 -25.25 -8.91 -29.11
C MET A 228 -24.39 -9.02 -27.86
N THR A 229 -24.05 -7.85 -27.32
CA THR A 229 -23.35 -7.73 -26.06
C THR A 229 -23.65 -6.35 -25.50
N ILE A 230 -23.42 -6.19 -24.20
CA ILE A 230 -23.60 -4.92 -23.51
C ILE A 230 -22.25 -4.49 -22.98
N ASN A 231 -21.77 -3.33 -23.42
CA ASN A 231 -20.43 -2.93 -23.03
C ASN A 231 -20.26 -1.43 -23.24
N GLY A 232 -19.08 -0.92 -22.86
CA GLY A 232 -18.78 0.48 -22.94
C GLY A 232 -17.85 0.81 -24.09
N PRO A 233 -17.42 2.07 -24.16
CA PRO A 233 -16.57 2.48 -25.28
C PRO A 233 -15.24 1.75 -25.36
N TRP A 234 -14.64 1.46 -24.20
CA TRP A 234 -13.32 0.84 -24.18
C TRP A 234 -13.28 -0.47 -24.97
N ALA A 235 -14.42 -1.15 -25.10
CA ALA A 235 -14.44 -2.42 -25.82
C ALA A 235 -14.39 -2.24 -27.33
N TRP A 236 -14.87 -1.11 -27.83
CA TRP A 236 -14.94 -0.91 -29.29
C TRP A 236 -13.64 -1.25 -29.97
N SER A 237 -12.51 -0.81 -29.40
CA SER A 237 -11.21 -1.07 -30.00
C SER A 237 -11.05 -2.56 -30.33
N ASN A 238 -11.29 -3.43 -29.34
CA ASN A 238 -11.17 -4.86 -29.58
C ASN A 238 -12.06 -5.30 -30.74
N ILE A 239 -13.30 -4.80 -30.78
CA ILE A 239 -14.20 -5.17 -31.86
C ILE A 239 -13.68 -4.65 -33.18
N ASP A 240 -13.04 -3.47 -33.17
CA ASP A 240 -12.42 -2.97 -34.40
C ASP A 240 -11.32 -3.90 -34.87
N THR A 241 -10.68 -4.63 -33.95
CA THR A 241 -9.67 -5.60 -34.33
C THR A 241 -10.31 -6.86 -34.92
N SER A 242 -11.54 -7.16 -34.56
CA SER A 242 -12.23 -8.32 -35.08
C SER A 242 -12.76 -8.04 -36.48
N ALA A 243 -13.38 -9.06 -37.08
CA ALA A 243 -13.99 -8.94 -38.40
C ALA A 243 -15.46 -8.55 -38.33
N VAL A 244 -15.99 -8.28 -37.14
CA VAL A 244 -17.41 -8.02 -36.97
C VAL A 244 -17.71 -6.57 -37.33
N ASN A 245 -18.69 -6.37 -38.20
CA ASN A 245 -19.29 -5.06 -38.40
C ASN A 245 -20.40 -4.90 -37.36
N TYR A 246 -20.25 -3.91 -36.49
CA TYR A 246 -21.06 -3.81 -35.28
C TYR A 246 -21.68 -2.43 -35.16
N GLY A 247 -22.97 -2.40 -34.84
CA GLY A 247 -23.63 -1.16 -34.47
C GLY A 247 -23.64 -0.97 -32.96
N VAL A 248 -23.69 0.28 -32.54
CA VAL A 248 -23.77 0.66 -31.13
C VAL A 248 -25.03 1.50 -30.96
N THR A 249 -25.92 1.05 -30.08
CA THR A 249 -27.25 1.63 -29.98
C THR A 249 -27.71 1.60 -28.53
N VAL A 250 -28.94 2.10 -28.34
CA VAL A 250 -29.52 2.22 -27.01
C VAL A 250 -29.73 0.83 -26.42
N LEU A 251 -29.69 0.76 -25.09
CA LEU A 251 -30.00 -0.49 -24.40
C LEU A 251 -31.49 -0.82 -24.57
N PRO A 252 -31.84 -2.10 -24.58
CA PRO A 252 -33.26 -2.47 -24.72
C PRO A 252 -34.08 -1.99 -23.54
N THR A 253 -35.34 -1.67 -23.82
CA THR A 253 -36.27 -1.27 -22.77
C THR A 253 -36.79 -2.50 -22.02
N PHE A 254 -37.17 -2.28 -20.76
CA PHE A 254 -37.70 -3.34 -19.91
C PHE A 254 -39.02 -2.86 -19.34
N LYS A 255 -40.09 -3.60 -19.63
CA LYS A 255 -41.44 -3.22 -19.20
C LYS A 255 -41.81 -1.83 -19.73
N GLY A 256 -41.44 -1.57 -20.97
CA GLY A 256 -41.76 -0.32 -21.62
C GLY A 256 -40.93 0.87 -21.17
N GLN A 257 -39.95 0.67 -20.30
CA GLN A 257 -39.15 1.75 -19.77
C GLN A 257 -37.70 1.60 -20.21
N PRO A 258 -36.98 2.71 -20.39
CA PRO A 258 -35.59 2.62 -20.85
C PRO A 258 -34.67 2.10 -19.75
N SER A 259 -33.69 1.29 -20.15
CA SER A 259 -32.65 0.87 -19.22
C SER A 259 -31.89 2.09 -18.71
N LYS A 260 -31.54 2.07 -17.43
CA LYS A 260 -30.92 3.21 -16.75
C LYS A 260 -29.53 2.81 -16.30
N PRO A 261 -28.55 2.74 -17.21
CA PRO A 261 -27.19 2.44 -16.80
C PRO A 261 -26.63 3.53 -15.91
N PHE A 262 -25.88 3.13 -14.90
CA PHE A 262 -25.18 4.09 -14.07
C PHE A 262 -24.07 4.74 -14.89
N VAL A 263 -24.09 6.06 -14.97
CA VAL A 263 -23.14 6.80 -15.77
C VAL A 263 -21.96 7.17 -14.87
N GLY A 264 -20.78 6.66 -15.23
CA GLY A 264 -19.58 7.05 -14.53
C GLY A 264 -18.85 8.19 -15.22
N VAL A 265 -18.00 8.86 -14.47
CA VAL A 265 -17.16 9.92 -15.03
C VAL A 265 -15.72 9.53 -14.77
N LEU A 266 -15.00 9.19 -15.84
CA LEU A 266 -13.58 8.87 -15.69
C LEU A 266 -12.84 10.11 -15.20
N SER A 267 -12.16 9.97 -14.07
CA SER A 267 -11.56 11.10 -13.38
C SER A 267 -10.17 10.73 -12.89
N ALA A 268 -9.35 11.76 -12.67
CA ALA A 268 -7.99 11.59 -12.17
C ALA A 268 -7.82 12.37 -10.87
N GLY A 269 -7.67 11.64 -9.76
CA GLY A 269 -7.37 12.26 -8.49
C GLY A 269 -5.89 12.28 -8.22
N ILE A 270 -5.48 13.20 -7.35
CA ILE A 270 -4.08 13.39 -6.98
C ILE A 270 -3.90 12.88 -5.56
N ASN A 271 -3.00 11.92 -5.39
CA ASN A 271 -2.76 11.36 -4.07
C ASN A 271 -2.35 12.46 -3.10
N ALA A 272 -3.00 12.50 -1.93
CA ALA A 272 -2.71 13.52 -0.95
C ALA A 272 -1.25 13.45 -0.49
N ALA A 273 -0.66 12.26 -0.50
CA ALA A 273 0.72 12.08 -0.06
C ALA A 273 1.74 12.43 -1.14
N SER A 274 1.29 12.76 -2.35
CA SER A 274 2.21 13.01 -3.45
C SER A 274 2.96 14.34 -3.24
N PRO A 275 4.30 14.34 -3.20
CA PRO A 275 5.02 15.61 -3.24
C PRO A 275 4.95 16.31 -4.59
N ASN A 276 4.51 15.61 -5.64
CA ASN A 276 4.57 16.07 -7.02
C ASN A 276 3.33 16.85 -7.45
N LYS A 277 2.44 17.20 -6.52
CA LYS A 277 1.12 17.74 -6.84
C LYS A 277 1.17 18.80 -7.94
N GLU A 278 2.12 19.73 -7.87
CA GLU A 278 2.21 20.76 -8.91
C GLU A 278 2.44 20.13 -10.28
N LEU A 279 3.32 19.13 -10.35
CA LEU A 279 3.61 18.48 -11.62
C LEU A 279 2.40 17.74 -12.14
N ALA A 280 1.65 17.09 -11.23
CA ALA A 280 0.42 16.42 -11.64
C ALA A 280 -0.61 17.42 -12.17
N LYS A 281 -0.75 18.57 -11.51
CA LYS A 281 -1.68 19.59 -11.97
C LYS A 281 -1.29 20.06 -13.37
N GLU A 282 -0.03 20.50 -13.52
CA GLU A 282 0.44 20.93 -14.85
C GLU A 282 0.15 19.87 -15.90
N PHE A 283 0.47 18.61 -15.58
CA PHE A 283 0.28 17.52 -16.54
C PHE A 283 -1.20 17.38 -16.93
N LEU A 284 -2.09 17.37 -15.94
CA LEU A 284 -3.50 17.15 -16.21
C LEU A 284 -4.10 18.30 -17.00
N GLU A 285 -3.78 19.54 -16.63
CA GLU A 285 -4.42 20.69 -17.27
C GLU A 285 -3.86 20.92 -18.67
N ASN A 286 -2.54 20.96 -18.80
CA ASN A 286 -1.92 21.43 -20.03
C ASN A 286 -1.52 20.31 -20.98
N TYR A 287 -1.72 19.05 -20.60
CA TYR A 287 -1.32 17.94 -21.47
C TYR A 287 -2.47 16.95 -21.64
N LEU A 288 -2.91 16.31 -20.56
CA LEU A 288 -3.93 15.28 -20.71
C LEU A 288 -5.24 15.85 -21.21
N LEU A 289 -5.69 16.98 -20.65
CA LEU A 289 -6.97 17.54 -21.09
C LEU A 289 -6.65 18.51 -22.22
N THR A 290 -6.75 17.98 -23.44
CA THR A 290 -6.54 18.71 -24.69
C THR A 290 -7.13 17.83 -25.78
N ASP A 291 -7.33 18.41 -26.96
CA ASP A 291 -7.68 17.58 -28.11
C ASP A 291 -6.58 16.57 -28.42
N GLU A 292 -5.32 16.97 -28.29
CA GLU A 292 -4.19 16.11 -28.65
C GLU A 292 -4.08 14.90 -27.73
N GLY A 293 -3.98 15.15 -26.42
CA GLY A 293 -3.85 14.07 -25.47
C GLY A 293 -5.02 13.12 -25.51
N LEU A 294 -6.23 13.67 -25.36
CA LEU A 294 -7.43 12.84 -25.43
C LEU A 294 -7.57 12.15 -26.79
N GLU A 295 -6.91 12.66 -27.82
CA GLU A 295 -6.90 11.97 -29.11
C GLU A 295 -5.96 10.77 -29.08
N ALA A 296 -4.80 10.91 -28.44
CA ALA A 296 -3.91 9.77 -28.27
C ALA A 296 -4.56 8.68 -27.44
N VAL A 297 -5.01 9.04 -26.23
CA VAL A 297 -5.74 8.09 -25.39
C VAL A 297 -6.90 7.49 -26.16
N ASN A 298 -7.61 8.34 -26.92
CA ASN A 298 -8.74 7.87 -27.70
C ASN A 298 -8.33 6.81 -28.72
N LYS A 299 -7.18 7.01 -29.36
CA LYS A 299 -6.73 6.04 -30.36
C LYS A 299 -6.32 4.73 -29.71
N ASP A 300 -5.67 4.80 -28.55
CA ASP A 300 -5.37 3.56 -27.83
C ASP A 300 -6.66 2.83 -27.46
N LYS A 301 -7.53 3.52 -26.72
CA LYS A 301 -8.86 3.00 -26.40
C LYS A 301 -9.85 4.15 -26.44
N PRO A 302 -11.08 3.91 -26.93
CA PRO A 302 -12.08 4.98 -26.90
C PRO A 302 -12.49 5.34 -25.48
N LEU A 303 -12.61 6.64 -25.23
CA LEU A 303 -12.98 7.16 -23.92
C LEU A 303 -14.48 7.34 -23.75
N GLY A 304 -15.27 7.09 -24.79
CA GLY A 304 -16.68 7.44 -24.76
C GLY A 304 -16.88 8.92 -25.02
N ALA A 305 -17.84 9.53 -24.34
CA ALA A 305 -18.03 10.97 -24.43
C ALA A 305 -17.11 11.63 -23.41
N VAL A 306 -16.17 12.44 -23.91
CA VAL A 306 -15.23 13.11 -23.02
C VAL A 306 -15.89 14.33 -22.38
N ALA A 307 -15.34 14.76 -21.26
CA ALA A 307 -15.78 15.98 -20.60
C ALA A 307 -15.23 17.24 -21.25
N LEU A 308 -14.27 17.12 -22.18
CA LEU A 308 -13.69 18.28 -22.83
C LEU A 308 -14.58 18.68 -24.00
N LYS A 309 -15.14 19.89 -23.93
CA LYS A 309 -16.08 20.34 -24.95
C LYS A 309 -15.46 20.31 -26.34
N SER A 310 -14.27 20.90 -26.49
CA SER A 310 -13.66 21.01 -27.81
C SER A 310 -13.62 19.66 -28.51
N TYR A 311 -13.15 18.62 -27.83
CA TYR A 311 -13.07 17.30 -28.43
C TYR A 311 -14.41 16.57 -28.44
N GLU A 312 -15.25 16.82 -27.43
CA GLU A 312 -16.57 16.20 -27.40
C GLU A 312 -17.37 16.58 -28.65
N GLU A 313 -17.43 17.88 -28.97
CA GLU A 313 -18.16 18.33 -30.15
C GLU A 313 -17.75 17.54 -31.39
N GLU A 314 -16.47 17.13 -31.46
CA GLU A 314 -16.02 16.30 -32.56
C GLU A 314 -16.43 14.83 -32.38
N LEU A 315 -16.54 14.38 -31.13
CA LEU A 315 -16.91 12.98 -30.90
C LEU A 315 -18.39 12.73 -31.15
N VAL A 316 -19.26 13.66 -30.77
CA VAL A 316 -20.70 13.44 -30.92
C VAL A 316 -21.04 13.06 -32.35
N LYS A 317 -20.25 13.54 -33.32
CA LYS A 317 -20.46 13.13 -34.70
C LYS A 317 -20.43 11.62 -34.85
N ASP A 318 -19.67 10.94 -34.01
CA ASP A 318 -19.64 9.48 -34.01
C ASP A 318 -20.99 8.94 -33.56
N PRO A 319 -21.66 8.10 -34.36
CA PRO A 319 -22.94 7.55 -33.89
C PRO A 319 -22.81 6.69 -32.65
N ARG A 320 -21.64 6.06 -32.46
CA ARG A 320 -21.42 5.28 -31.25
C ARG A 320 -21.38 6.17 -30.02
N VAL A 321 -20.72 7.33 -30.12
CA VAL A 321 -20.73 8.28 -29.01
C VAL A 321 -22.13 8.83 -28.79
N ALA A 322 -22.85 9.13 -29.87
CA ALA A 322 -24.22 9.59 -29.74
C ALA A 322 -25.07 8.58 -28.98
N ALA A 323 -24.89 7.29 -29.28
CA ALA A 323 -25.60 6.25 -28.54
C ALA A 323 -25.16 6.20 -27.09
N THR A 324 -23.85 6.37 -26.85
CA THR A 324 -23.35 6.40 -25.47
C THR A 324 -24.04 7.50 -24.67
N MET A 325 -24.21 8.69 -25.28
CA MET A 325 -24.88 9.78 -24.59
C MET A 325 -26.37 9.59 -24.51
N GLU A 326 -26.95 8.82 -25.43
CA GLU A 326 -28.37 8.45 -25.32
C GLU A 326 -28.59 7.59 -24.09
N ASN A 327 -27.88 6.47 -24.00
CA ASN A 327 -27.98 5.62 -22.82
C ASN A 327 -27.59 6.36 -21.55
N ALA A 328 -26.63 7.28 -21.65
CA ALA A 328 -26.19 8.03 -20.48
C ALA A 328 -27.29 8.97 -19.98
N GLN A 329 -27.84 9.79 -20.87
CA GLN A 329 -28.92 10.68 -20.48
C GLN A 329 -30.15 9.91 -20.01
N LYS A 330 -30.35 8.70 -20.52
CA LYS A 330 -31.42 7.86 -20.00
C LYS A 330 -31.08 7.27 -18.65
N GLY A 331 -29.80 7.22 -18.28
CA GLY A 331 -29.38 6.71 -16.99
C GLY A 331 -29.25 7.79 -15.95
N GLU A 332 -28.36 7.55 -14.98
CA GLU A 332 -28.12 8.51 -13.91
C GLU A 332 -26.63 8.56 -13.60
N ILE A 333 -26.17 9.72 -13.13
CA ILE A 333 -24.80 9.87 -12.68
C ILE A 333 -24.63 9.15 -11.35
N MET A 334 -23.59 8.34 -11.25
CA MET A 334 -23.32 7.64 -10.01
C MET A 334 -23.07 8.63 -8.89
N PRO A 335 -23.64 8.43 -7.70
CA PRO A 335 -23.22 9.24 -6.55
C PRO A 335 -21.77 8.95 -6.20
N ASN A 336 -21.10 9.93 -5.63
CA ASN A 336 -19.72 9.76 -5.20
C ASN A 336 -19.60 9.40 -3.73
N ILE A 337 -20.71 9.36 -3.00
CA ILE A 337 -20.68 9.15 -1.55
C ILE A 337 -19.94 7.85 -1.23
N PRO A 338 -19.29 7.74 -0.07
CA PRO A 338 -18.56 6.49 0.24
C PRO A 338 -19.44 5.25 0.21
N GLN A 339 -20.71 5.37 0.61
CA GLN A 339 -21.56 4.19 0.73
C GLN A 339 -21.72 3.46 -0.59
N MET A 340 -21.33 4.08 -1.71
CA MET A 340 -21.37 3.38 -2.98
C MET A 340 -20.56 2.09 -2.92
N SER A 341 -19.42 2.12 -2.23
CA SER A 341 -18.62 0.90 -2.10
C SER A 341 -19.44 -0.23 -1.51
N ALA A 342 -20.31 0.08 -0.55
CA ALA A 342 -21.19 -0.92 0.03
C ALA A 342 -22.33 -1.27 -0.92
N PHE A 343 -22.83 -0.28 -1.67
CA PHE A 343 -23.91 -0.53 -2.60
C PHE A 343 -23.49 -1.56 -3.66
N TRP A 344 -22.44 -1.24 -4.42
CA TRP A 344 -22.03 -2.11 -5.51
C TRP A 344 -21.85 -3.54 -5.04
N TYR A 345 -20.99 -3.75 -4.04
CA TYR A 345 -20.79 -5.10 -3.52
C TYR A 345 -22.13 -5.78 -3.28
N ALA A 346 -23.03 -5.11 -2.56
CA ALA A 346 -24.35 -5.67 -2.31
C ALA A 346 -24.94 -6.23 -3.59
N VAL A 347 -25.19 -5.34 -4.55
CA VAL A 347 -25.77 -5.78 -5.82
C VAL A 347 -25.00 -6.97 -6.35
N ARG A 348 -23.68 -6.84 -6.44
CA ARG A 348 -22.83 -7.92 -6.93
C ARG A 348 -23.26 -9.21 -6.25
N THR A 349 -23.07 -9.28 -4.94
CA THR A 349 -23.40 -10.48 -4.20
C THR A 349 -24.80 -10.95 -4.56
N ALA A 350 -25.78 -10.06 -4.45
CA ALA A 350 -27.16 -10.45 -4.70
C ALA A 350 -27.26 -11.14 -6.05
N VAL A 351 -26.82 -10.44 -7.11
CA VAL A 351 -26.94 -11.02 -8.45
C VAL A 351 -26.32 -12.41 -8.47
N ILE A 352 -25.09 -12.52 -7.96
CA ILE A 352 -24.42 -13.81 -7.95
C ILE A 352 -25.32 -14.86 -7.33
N ASN A 353 -25.78 -14.60 -6.10
CA ASN A 353 -26.66 -15.55 -5.44
C ASN A 353 -27.83 -15.90 -6.35
N ALA A 354 -28.51 -14.88 -6.87
CA ALA A 354 -29.68 -15.13 -7.70
C ALA A 354 -29.33 -16.02 -8.89
N ALA A 355 -28.16 -15.80 -9.49
CA ALA A 355 -27.76 -16.60 -10.64
C ALA A 355 -27.26 -17.98 -10.21
N SER A 356 -26.73 -18.09 -9.00
CA SER A 356 -26.25 -19.38 -8.51
C SER A 356 -27.39 -20.26 -8.01
N GLY A 357 -28.54 -19.68 -7.70
CA GLY A 357 -29.61 -20.40 -7.06
C GLY A 357 -29.47 -20.51 -5.56
N ARG A 358 -28.42 -19.92 -4.98
CA ARG A 358 -28.25 -19.98 -3.53
C ARG A 358 -29.44 -19.36 -2.80
N GLN A 359 -30.03 -18.32 -3.38
CA GLN A 359 -31.11 -17.59 -2.74
C GLN A 359 -32.14 -17.18 -3.79
N THR A 360 -33.36 -16.92 -3.31
CA THR A 360 -34.39 -16.34 -4.14
C THR A 360 -34.09 -14.85 -4.39
N VAL A 361 -34.69 -14.32 -5.45
CA VAL A 361 -34.50 -12.90 -5.77
C VAL A 361 -34.85 -12.04 -4.57
N ASP A 362 -36.01 -12.31 -3.95
CA ASP A 362 -36.46 -11.49 -2.83
C ASP A 362 -35.45 -11.48 -1.70
N ALA A 363 -35.00 -12.67 -1.28
CA ALA A 363 -34.03 -12.75 -0.20
C ALA A 363 -32.72 -12.06 -0.57
N ALA A 364 -32.24 -12.32 -1.80
CA ALA A 364 -30.99 -11.71 -2.23
C ALA A 364 -31.06 -10.19 -2.18
N LEU A 365 -32.17 -9.61 -2.63
CA LEU A 365 -32.27 -8.16 -2.69
C LEU A 365 -32.56 -7.54 -1.33
N ALA A 366 -33.28 -8.25 -0.45
CA ALA A 366 -33.44 -7.75 0.91
C ALA A 366 -32.10 -7.73 1.63
N ALA A 367 -31.39 -8.86 1.62
CA ALA A 367 -30.05 -8.90 2.18
C ALA A 367 -29.16 -7.82 1.59
N ALA A 368 -29.26 -7.62 0.27
CA ALA A 368 -28.51 -6.55 -0.36
C ALA A 368 -28.87 -5.19 0.23
N GLN A 369 -30.18 -4.94 0.43
CA GLN A 369 -30.58 -3.68 1.04
C GLN A 369 -29.95 -3.50 2.41
N THR A 370 -29.85 -4.58 3.19
CA THR A 370 -29.16 -4.47 4.48
C THR A 370 -27.68 -4.18 4.28
N ASN A 371 -27.07 -4.75 3.23
CA ASN A 371 -25.64 -4.57 3.02
C ASN A 371 -25.30 -3.16 2.56
N ALA A 372 -26.19 -2.50 1.83
CA ALA A 372 -25.88 -1.21 1.22
C ALA A 372 -25.87 -0.05 2.20
N ALA A 373 -26.57 -0.18 3.32
CA ALA A 373 -26.78 0.96 4.22
C ALA A 373 -25.77 1.06 5.35
N ALA A 374 -24.84 0.11 5.47
CA ALA A 374 -23.94 0.07 6.61
C ALA A 374 -22.58 0.72 6.35
N ASP A 375 -22.31 1.17 5.12
CA ASP A 375 -21.05 1.85 4.80
C ASP A 375 -19.85 1.00 5.23
N TRP A 376 -19.83 -0.24 4.75
CA TRP A 376 -18.78 -1.20 5.05
C TRP A 376 -18.13 -1.66 3.75
N ASP A 377 -16.87 -2.10 3.85
CA ASP A 377 -16.15 -2.58 2.68
C ASP A 377 -15.42 -3.88 3.03
N VAL A 378 -15.06 -4.62 1.98
CA VAL A 378 -14.28 -5.84 2.12
C VAL A 378 -13.31 -5.94 0.95
N TYR A 379 -12.06 -6.30 1.27
CA TYR A 379 -11.01 -6.53 0.29
C TYR A 379 -10.68 -8.00 0.30
N CYS A 380 -11.04 -8.71 -0.76
CA CYS A 380 -10.73 -10.11 -0.91
C CYS A 380 -9.36 -10.27 -1.55
N SER A 381 -8.57 -11.19 -1.01
CA SER A 381 -7.22 -11.45 -1.51
C SER A 381 -7.24 -12.62 -2.48
N GLN A 382 -6.37 -12.53 -3.50
CA GLN A 382 -6.23 -13.61 -4.46
C GLN A 382 -5.43 -14.79 -3.92
N ASP A 383 -4.81 -14.66 -2.75
CA ASP A 383 -4.05 -15.74 -2.13
C ASP A 383 -4.58 -15.98 -0.72
N GLU A 384 -4.54 -17.25 -0.30
CA GLU A 384 -5.00 -17.62 1.03
C GLU A 384 -4.04 -17.20 2.14
N SER A 385 -2.80 -16.86 1.81
CA SER A 385 -1.82 -16.50 2.82
C SER A 385 -2.15 -15.16 3.46
N ILE A 386 -2.53 -14.18 2.66
CA ILE A 386 -2.86 -12.84 3.15
C ILE A 386 -4.37 -12.79 3.36
N PRO A 387 -4.86 -12.40 4.56
CA PRO A 387 -6.31 -12.48 4.79
C PRO A 387 -7.12 -11.49 3.98
N ALA A 388 -8.45 -11.58 4.10
CA ALA A 388 -9.34 -10.53 3.63
C ALA A 388 -9.40 -9.41 4.66
N LYS A 389 -9.75 -8.21 4.20
CA LYS A 389 -9.78 -7.04 5.07
C LYS A 389 -11.18 -6.45 5.08
N PHE A 390 -11.84 -6.54 6.23
CA PHE A 390 -13.20 -6.05 6.44
C PHE A 390 -13.12 -4.70 7.14
N ILE A 391 -13.44 -3.63 6.42
CA ILE A 391 -13.30 -2.27 6.91
C ILE A 391 -14.67 -1.72 7.27
N SER A 392 -14.73 -1.03 8.40
CA SER A 392 -15.92 -0.34 8.87
C SER A 392 -15.56 1.14 9.08
N ARG A 393 -16.25 2.01 8.34
CA ARG A 393 -16.04 3.45 8.44
C ARG A 393 -17.16 4.07 9.26
N LEU A 394 -16.81 5.05 10.07
CA LEU A 394 -17.78 5.76 10.90
C LEU A 394 -18.06 7.10 10.24
N VAL A 395 -19.26 7.23 9.66
CA VAL A 395 -19.64 8.44 8.94
C VAL A 395 -20.05 9.53 9.90
N THR A 396 -20.77 9.18 10.97
CA THR A 396 -21.20 10.15 11.98
C THR A 396 -22.04 9.46 13.05
N ALA A 401 -25.97 6.01 13.65
CA ALA A 401 -24.65 5.39 13.72
C ALA A 401 -24.74 4.00 14.33
N LEU A 402 -23.69 3.20 14.13
CA LEU A 402 -23.67 1.82 14.62
C LEU A 402 -23.24 1.79 16.07
N GLU A 403 -24.06 1.15 16.91
CA GLU A 403 -23.68 0.95 18.30
C GLU A 403 -22.73 -0.24 18.46
N LYS A 404 -22.97 -1.33 17.73
CA LYS A 404 -22.08 -2.48 17.83
C LYS A 404 -22.16 -3.32 16.57
N THR A 405 -21.10 -4.09 16.33
CA THR A 405 -21.04 -5.03 15.22
C THR A 405 -20.38 -6.31 15.70
N GLU A 406 -21.02 -7.45 15.49
CA GLU A 406 -20.52 -8.74 15.96
C GLU A 406 -20.37 -9.68 14.77
N ILE A 407 -19.16 -10.20 14.59
CA ILE A 407 -18.87 -11.07 13.46
C ILE A 407 -19.05 -12.52 13.90
N ASN A 408 -19.48 -13.36 12.98
CA ASN A 408 -19.67 -14.79 13.20
C ASN A 408 -18.68 -15.53 12.31
N CYS A 409 -17.69 -16.17 12.94
CA CYS A 409 -16.58 -16.80 12.23
C CYS A 409 -16.45 -18.26 12.67
N SER A 410 -15.69 -19.02 11.89
CA SER A 410 -15.46 -20.43 12.20
C SER A 410 -14.98 -20.60 13.63
N ASN A 411 -13.89 -19.92 13.99
CA ASN A 411 -13.33 -20.03 15.33
C ASN A 411 -14.29 -19.53 16.40
N GLY A 412 -15.27 -18.71 16.02
CA GLY A 412 -16.23 -18.17 16.96
C GLY A 412 -16.79 -16.87 16.45
N LEU A 413 -17.31 -16.08 17.37
CA LEU A 413 -17.82 -14.75 17.06
C LEU A 413 -16.93 -13.68 17.71
N VAL A 414 -16.68 -12.61 16.97
CA VAL A 414 -15.79 -11.53 17.39
C VAL A 414 -16.64 -10.27 17.57
N PRO A 415 -16.89 -9.81 18.78
CA PRO A 415 -17.58 -8.52 18.96
C PRO A 415 -16.64 -7.35 18.75
N ILE A 416 -17.19 -6.28 18.20
CA ILE A 416 -16.47 -5.05 17.90
C ILE A 416 -17.39 -3.87 18.21
N THR A 417 -16.88 -2.89 18.94
CA THR A 417 -17.65 -1.72 19.32
C THR A 417 -17.16 -0.48 18.58
N PHE A 420 -14.68 5.22 17.41
CA PHE A 420 -14.47 6.35 16.53
C PHE A 420 -13.47 6.02 15.42
N GLY A 421 -13.47 6.85 14.38
CA GLY A 421 -12.52 6.67 13.29
C GLY A 421 -12.93 5.57 12.33
N ILE A 422 -11.93 4.89 11.78
CA ILE A 422 -12.12 3.76 10.89
C ILE A 422 -11.50 2.53 11.54
N ASN A 423 -12.08 1.36 11.30
CA ASN A 423 -11.61 0.12 11.89
C ASN A 423 -11.49 -0.95 10.81
N MET A 424 -10.29 -1.48 10.63
CA MET A 424 -10.05 -2.58 9.72
C MET A 424 -9.85 -3.86 10.52
N MET A 425 -10.51 -4.93 10.10
CA MET A 425 -10.48 -6.22 10.77
C MET A 425 -10.00 -7.28 9.78
N LEU A 426 -9.19 -8.21 10.26
CA LEU A 426 -8.64 -9.25 9.39
C LEU A 426 -9.55 -10.49 9.45
N ILE A 427 -10.05 -10.89 8.29
CA ILE A 427 -10.85 -12.10 8.13
C ILE A 427 -9.94 -13.15 7.52
N GLN A 428 -9.59 -14.17 8.29
CA GLN A 428 -8.59 -15.15 7.89
C GLN A 428 -9.22 -16.29 7.11
N TYR A 429 -8.55 -16.68 6.03
CA TYR A 429 -8.95 -17.89 5.29
C TYR A 429 -8.49 -19.14 6.00
N THR A 430 -7.24 -19.14 6.49
CA THR A 430 -6.66 -20.28 7.20
C THR A 430 -5.85 -19.76 8.38
N ARG A 431 -6.03 -20.36 9.54
CA ARG A 431 -5.27 -19.97 10.73
C ARG A 431 -3.78 -20.02 10.43
N ASN A 432 -3.04 -19.05 10.96
CA ASN A 432 -1.63 -18.89 10.65
C ASN A 432 -0.85 -18.65 11.94
N GLU A 433 0.47 -18.50 11.80
CA GLU A 433 1.35 -18.33 12.95
C GLU A 433 1.17 -16.99 13.65
N LEU A 434 0.47 -16.05 13.03
CA LEU A 434 0.28 -14.72 13.62
C LEU A 434 -0.32 -14.80 15.02
N SER A 437 -3.63 -14.76 18.89
CA SER A 437 -4.64 -14.02 18.16
C SER A 437 -6.01 -14.13 18.86
N PRO A 438 -6.25 -13.27 19.84
CA PRO A 438 -7.50 -13.39 20.61
C PRO A 438 -8.75 -13.11 19.80
N GLY A 439 -8.71 -12.08 18.96
CA GLY A 439 -9.87 -11.71 18.17
C GLY A 439 -9.85 -12.32 16.79
N MET A 440 -9.11 -13.40 16.62
CA MET A 440 -8.99 -14.04 15.30
C MET A 440 -10.37 -14.38 14.76
N CYS A 441 -10.57 -14.09 13.47
CA CYS A 441 -11.79 -14.43 12.77
C CYS A 441 -11.40 -15.16 11.50
N VAL A 442 -11.88 -16.40 11.34
CA VAL A 442 -11.54 -17.23 10.20
C VAL A 442 -12.79 -17.39 9.34
N PHE A 443 -12.59 -17.36 8.02
CA PHE A 443 -13.70 -17.54 7.09
C PHE A 443 -14.40 -18.88 7.33
N TRP A 444 -15.70 -18.89 7.11
CA TRP A 444 -16.45 -20.14 6.99
C TRP A 444 -16.18 -20.72 5.60
N GLY A 445 -15.70 -21.96 5.55
CA GLY A 445 -15.45 -22.59 4.27
C GLY A 445 -14.27 -23.54 4.30
N PRO A 446 -13.77 -23.92 3.11
CA PRO A 446 -14.27 -23.50 1.79
C PRO A 446 -15.63 -24.09 1.43
N TYR A 447 -16.35 -23.42 0.52
CA TYR A 447 -17.69 -23.83 0.12
C TYR A 447 -17.75 -23.95 -1.40
N SER A 448 -18.57 -24.89 -1.87
CA SER A 448 -18.65 -25.19 -3.29
C SER A 448 -19.48 -24.14 -4.02
N VAL A 449 -19.16 -23.95 -5.30
CA VAL A 449 -19.85 -23.03 -6.18
C VAL A 449 -20.55 -23.86 -7.26
N PRO A 450 -21.88 -23.84 -7.36
CA PRO A 450 -22.54 -24.59 -8.44
C PRO A 450 -22.04 -24.15 -9.80
N LYS A 451 -21.99 -25.12 -10.73
CA LYS A 451 -21.61 -24.86 -12.12
C LYS A 451 -20.14 -24.50 -12.28
N ASN A 452 -19.43 -24.25 -11.18
CA ASN A 452 -18.08 -23.70 -11.22
C ASN A 452 -17.17 -24.59 -10.38
N ASP A 453 -16.30 -25.33 -11.06
CA ASP A 453 -15.32 -26.15 -10.35
C ASP A 453 -14.07 -25.35 -9.98
N THR A 454 -13.78 -24.29 -10.72
CA THR A 454 -12.54 -23.54 -10.51
C THR A 454 -12.58 -22.73 -9.22
N VAL A 455 -13.64 -21.94 -9.03
CA VAL A 455 -13.67 -20.98 -7.94
C VAL A 455 -14.39 -21.59 -6.73
N VAL A 456 -13.92 -21.22 -5.55
CA VAL A 456 -14.46 -21.69 -4.28
C VAL A 456 -14.65 -20.47 -3.38
N LEU A 457 -15.76 -20.41 -2.66
CA LEU A 457 -16.13 -19.21 -1.94
C LEU A 457 -16.03 -19.42 -0.43
N TYR A 458 -15.71 -18.33 0.26
CA TYR A 458 -15.66 -18.26 1.72
C TYR A 458 -16.64 -17.18 2.16
N THR A 459 -17.43 -17.48 3.19
CA THR A 459 -18.49 -16.58 3.63
C THR A 459 -18.31 -16.23 5.10
N VAL A 460 -18.82 -15.07 5.48
CA VAL A 460 -18.94 -14.65 6.88
C VAL A 460 -20.26 -13.91 7.01
N THR A 461 -20.80 -13.88 8.23
CA THR A 461 -22.01 -13.13 8.51
C THR A 461 -21.78 -12.29 9.75
N ALA A 462 -22.18 -11.02 9.69
CA ALA A 462 -22.02 -10.09 10.80
C ALA A 462 -23.37 -9.47 11.14
N ARG A 463 -23.58 -9.22 12.42
CA ARG A 463 -24.82 -8.65 12.93
C ARG A 463 -24.53 -7.27 13.50
N LEU A 464 -25.35 -6.30 13.11
CA LEU A 464 -25.14 -4.89 13.44
C LEU A 464 -26.30 -4.40 14.29
N LYS A 465 -25.97 -3.77 15.42
CA LYS A 465 -26.95 -3.11 16.27
C LYS A 465 -26.74 -1.61 16.18
N TRP A 466 -27.73 -0.93 15.60
CA TRP A 466 -27.69 0.52 15.46
C TRP A 466 -28.04 1.25 16.77
N SER A 467 -28.74 0.58 17.68
CA SER A 467 -29.28 1.09 18.93
C SER A 467 -30.63 1.78 18.72
N GLU A 468 -31.06 1.99 17.48
CA GLU A 468 -32.39 2.51 17.19
C GLU A 468 -32.98 1.67 16.05
N GLY A 469 -34.13 1.08 16.30
CA GLY A 469 -34.77 0.25 15.30
C GLY A 469 -34.16 -1.14 15.26
N PRO A 470 -34.41 -1.87 14.19
CA PRO A 470 -34.05 -3.29 14.13
C PRO A 470 -32.56 -3.47 13.91
N PRO A 471 -32.00 -4.61 14.32
CA PRO A 471 -30.64 -4.96 13.91
C PRO A 471 -30.61 -5.46 12.47
N THR A 472 -29.43 -5.39 11.87
CA THR A 472 -29.30 -5.77 10.47
C THR A 472 -28.06 -6.62 10.27
N ASN A 473 -28.20 -7.71 9.51
CA ASN A 473 -27.10 -8.62 9.25
C ASN A 473 -26.59 -8.45 7.82
N LEU A 474 -25.28 -8.57 7.66
CA LEU A 474 -24.63 -8.51 6.36
C LEU A 474 -23.79 -9.76 6.14
N SER A 475 -23.48 -10.04 4.88
CA SER A 475 -22.78 -11.26 4.49
C SER A 475 -21.58 -10.90 3.62
N ILE A 476 -20.39 -11.31 4.08
CA ILE A 476 -19.15 -11.18 3.33
C ILE A 476 -18.94 -12.44 2.51
N GLN A 477 -18.52 -12.27 1.26
CA GLN A 477 -18.22 -13.40 0.38
C GLN A 477 -16.94 -13.09 -0.39
N CYS A 478 -15.97 -13.99 -0.31
CA CYS A 478 -14.71 -13.87 -1.03
C CYS A 478 -14.47 -15.13 -1.84
N TYR A 479 -14.13 -14.96 -3.12
CA TYR A 479 -13.93 -16.07 -4.04
C TYR A 479 -12.45 -16.29 -4.30
N MET A 480 -12.08 -17.56 -4.51
CA MET A 480 -10.68 -17.96 -4.64
C MET A 480 -10.52 -19.00 -5.75
N PRO A 481 -9.42 -18.95 -6.51
CA PRO A 481 -9.13 -20.04 -7.45
C PRO A 481 -8.69 -21.30 -6.72
N LYS A 482 -8.73 -22.42 -7.47
CA LYS A 482 -8.32 -23.72 -6.94
C LYS A 482 -7.26 -24.33 -7.85
N SER A 483 -6.06 -24.53 -7.31
CA SER A 483 -4.96 -25.17 -8.03
C SER A 483 -4.80 -24.60 -9.44
N GLY B 9 6.68 -18.31 -13.00
CA GLY B 9 7.93 -19.01 -13.26
C GLY B 9 9.12 -18.08 -13.30
N LYS B 10 9.21 -17.20 -12.31
CA LYS B 10 10.26 -16.20 -12.24
C LYS B 10 10.47 -15.81 -10.79
N LEU B 11 11.67 -15.30 -10.49
CA LEU B 11 12.03 -14.88 -9.14
C LEU B 11 12.40 -13.40 -9.17
N VAL B 12 11.70 -12.61 -8.35
CA VAL B 12 12.01 -11.20 -8.15
C VAL B 12 12.58 -11.05 -6.75
N ILE B 13 13.73 -10.38 -6.65
CA ILE B 13 14.45 -10.23 -5.39
C ILE B 13 14.58 -8.75 -5.07
N TRP B 14 14.41 -8.42 -3.79
CA TRP B 14 14.58 -7.06 -3.30
C TRP B 14 15.72 -7.03 -2.30
N ILE B 15 16.68 -6.13 -2.52
CA ILE B 15 17.84 -5.97 -1.64
C ILE B 15 18.22 -4.50 -1.65
N ASN B 16 18.87 -4.06 -0.57
CA ASN B 16 19.24 -2.66 -0.45
C ASN B 16 20.34 -2.31 -1.46
N GLY B 17 20.41 -1.03 -1.79
CA GLY B 17 21.34 -0.59 -2.83
C GLY B 17 22.79 -0.63 -2.40
N ASP B 18 23.07 -0.34 -1.13
CA ASP B 18 24.45 -0.37 -0.65
C ASP B 18 25.03 -1.78 -0.74
N LYS B 19 24.20 -2.79 -0.47
CA LYS B 19 24.62 -4.17 -0.68
C LYS B 19 24.90 -4.40 -2.15
N GLY B 20 25.84 -5.30 -2.44
CA GLY B 20 26.02 -5.65 -3.83
C GLY B 20 24.80 -6.40 -4.34
N TYR B 21 24.08 -5.79 -5.28
CA TYR B 21 23.01 -6.46 -6.01
C TYR B 21 23.47 -6.99 -7.35
N ASN B 22 24.66 -6.57 -7.81
CA ASN B 22 25.16 -7.03 -9.10
C ASN B 22 25.61 -8.48 -9.02
N GLY B 23 26.42 -8.81 -8.00
CA GLY B 23 26.82 -10.18 -7.81
C GLY B 23 25.63 -11.10 -7.63
N LEU B 24 24.68 -10.69 -6.77
CA LEU B 24 23.47 -11.48 -6.58
C LEU B 24 22.71 -11.66 -7.89
N ALA B 25 22.74 -10.63 -8.75
CA ALA B 25 22.13 -10.78 -10.07
C ALA B 25 22.90 -11.76 -10.94
N GLU B 26 24.22 -11.85 -10.75
CA GLU B 26 25.00 -12.84 -11.47
C GLU B 26 24.67 -14.25 -11.01
N VAL B 27 24.49 -14.43 -9.69
CA VAL B 27 23.96 -15.69 -9.18
C VAL B 27 22.64 -16.02 -9.85
N GLY B 28 21.71 -15.06 -9.82
CA GLY B 28 20.44 -15.26 -10.50
C GLY B 28 20.60 -15.64 -11.96
N LYS B 29 21.66 -15.14 -12.60
CA LYS B 29 21.93 -15.52 -13.98
C LYS B 29 22.37 -16.98 -14.07
N LYS B 30 23.23 -17.42 -13.15
CA LYS B 30 23.59 -18.83 -13.08
C LYS B 30 22.33 -19.70 -12.94
N PHE B 31 21.50 -19.38 -11.94
CA PHE B 31 20.27 -20.13 -11.73
C PHE B 31 19.43 -20.18 -13.00
N GLU B 32 19.18 -19.01 -13.59
CA GLU B 32 18.40 -18.95 -14.82
C GLU B 32 18.99 -19.87 -15.89
N LYS B 33 20.31 -19.82 -16.05
CA LYS B 33 20.96 -20.68 -17.03
C LYS B 33 20.63 -22.15 -16.78
N ASP B 34 20.92 -22.62 -15.57
CA ASP B 34 20.69 -24.02 -15.25
C ASP B 34 19.21 -24.42 -15.39
N THR B 35 18.33 -23.87 -14.55
CA THR B 35 16.93 -24.29 -14.53
C THR B 35 16.07 -23.54 -15.54
N GLY B 36 16.56 -22.48 -16.16
CA GLY B 36 15.75 -21.72 -17.10
C GLY B 36 14.77 -20.78 -16.45
N ILE B 37 14.90 -20.49 -15.16
CA ILE B 37 13.99 -19.63 -14.44
C ILE B 37 14.68 -18.29 -14.24
N LYS B 38 14.14 -17.24 -14.88
CA LYS B 38 14.76 -15.93 -14.83
C LYS B 38 14.77 -15.38 -13.40
N VAL B 39 15.82 -14.64 -13.08
CA VAL B 39 15.99 -14.01 -11.78
C VAL B 39 16.30 -12.54 -12.01
N THR B 40 15.52 -11.66 -11.38
CA THR B 40 15.71 -10.22 -11.48
C THR B 40 15.94 -9.65 -10.10
N VAL B 41 17.05 -8.94 -9.94
CA VAL B 41 17.40 -8.31 -8.66
C VAL B 41 17.09 -6.83 -8.76
N GLU B 42 16.33 -6.32 -7.79
CA GLU B 42 15.94 -4.92 -7.74
C GLU B 42 16.27 -4.36 -6.36
N HIS B 43 16.48 -3.05 -6.30
CA HIS B 43 16.82 -2.36 -5.05
C HIS B 43 15.94 -1.12 -4.91
N PRO B 44 14.68 -1.29 -4.56
CA PRO B 44 13.84 -0.13 -4.26
C PRO B 44 14.35 0.63 -3.05
N ASP B 45 14.03 1.92 -3.01
CA ASP B 45 14.40 2.77 -1.87
C ASP B 45 13.41 2.56 -0.73
N LYS B 46 13.93 2.55 0.49
CA LYS B 46 13.12 2.28 1.68
C LYS B 46 12.30 1.00 1.51
N LEU B 47 12.98 -0.06 1.07
CA LEU B 47 12.28 -1.30 0.75
C LEU B 47 11.70 -1.97 1.99
N GLU B 48 12.31 -1.74 3.17
CA GLU B 48 11.79 -2.38 4.37
C GLU B 48 10.41 -1.84 4.74
N GLU B 49 10.17 -0.55 4.47
CA GLU B 49 8.85 0.03 4.71
C GLU B 49 7.89 -0.27 3.56
N LYS B 50 8.40 -0.30 2.33
CA LYS B 50 7.55 -0.49 1.16
C LYS B 50 7.10 -1.94 1.01
N PHE B 51 7.89 -2.89 1.52
CA PHE B 51 7.54 -4.30 1.35
C PHE B 51 6.23 -4.68 2.01
N PRO B 52 5.98 -4.37 3.29
CA PRO B 52 4.69 -4.78 3.89
C PRO B 52 3.49 -4.26 3.12
N GLN B 53 3.54 -3.00 2.69
CA GLN B 53 2.41 -2.42 1.95
C GLN B 53 2.02 -3.28 0.77
N VAL B 54 2.99 -3.59 -0.10
CA VAL B 54 2.68 -4.31 -1.33
C VAL B 54 2.45 -5.79 -1.07
N ALA B 55 3.12 -6.36 -0.07
CA ALA B 55 2.93 -7.77 0.25
C ALA B 55 1.51 -8.02 0.75
N ALA B 56 0.96 -7.09 1.54
CA ALA B 56 -0.45 -7.19 1.91
C ALA B 56 -1.36 -7.06 0.69
N THR B 57 -0.88 -6.42 -0.37
CA THR B 57 -1.66 -6.24 -1.59
C THR B 57 -1.63 -7.48 -2.47
N GLY B 58 -0.67 -8.39 -2.25
CA GLY B 58 -0.48 -9.54 -3.11
C GLY B 58 0.66 -9.41 -4.08
N ASP B 59 1.24 -8.23 -4.20
CA ASP B 59 2.37 -7.98 -5.08
C ASP B 59 3.68 -8.06 -4.28
N GLY B 60 4.78 -7.67 -4.90
CA GLY B 60 6.06 -7.66 -4.25
C GLY B 60 6.97 -8.78 -4.73
N PRO B 61 8.18 -8.82 -4.20
CA PRO B 61 9.15 -9.83 -4.64
C PRO B 61 8.84 -11.20 -4.06
N ASP B 62 9.46 -12.21 -4.68
CA ASP B 62 9.43 -13.55 -4.11
C ASP B 62 10.35 -13.64 -2.89
N ILE B 63 11.50 -12.98 -2.95
CA ILE B 63 12.48 -12.97 -1.87
C ILE B 63 12.79 -11.53 -1.51
N ILE B 64 13.01 -11.28 -0.21
CA ILE B 64 13.36 -9.95 0.27
C ILE B 64 14.60 -10.08 1.16
N PHE B 65 15.59 -9.21 0.92
CA PHE B 65 16.87 -9.24 1.62
C PHE B 65 16.94 -8.06 2.58
N TRP B 66 16.96 -8.35 3.88
CA TRP B 66 17.13 -7.30 4.88
C TRP B 66 17.64 -7.93 6.17
N ALA B 67 18.17 -7.07 7.05
CA ALA B 67 18.56 -7.50 8.38
C ALA B 67 17.37 -8.09 9.12
N HIS B 68 17.67 -9.03 10.02
CA HIS B 68 16.61 -9.80 10.67
C HIS B 68 15.69 -8.96 11.53
N ASP B 69 16.12 -7.76 11.95
CA ASP B 69 15.33 -6.99 12.90
C ASP B 69 13.92 -6.72 12.39
N ARG B 70 13.75 -6.52 11.08
CA ARG B 70 12.43 -6.23 10.54
C ARG B 70 11.57 -7.48 10.41
N PHE B 71 12.19 -8.65 10.25
CA PHE B 71 11.47 -9.82 9.77
C PHE B 71 10.34 -10.23 10.71
N GLY B 72 10.60 -10.21 12.02
CA GLY B 72 9.53 -10.52 12.96
C GLY B 72 8.26 -9.74 12.65
N GLY B 73 8.40 -8.43 12.44
CA GLY B 73 7.26 -7.62 12.05
C GLY B 73 6.52 -8.21 10.86
N TYR B 74 7.26 -8.47 9.77
CA TYR B 74 6.65 -9.09 8.61
C TYR B 74 5.95 -10.38 8.99
N ALA B 75 6.62 -11.21 9.80
CA ALA B 75 6.04 -12.49 10.18
C ALA B 75 4.79 -12.32 11.02
N GLN B 76 4.65 -11.17 11.70
CA GLN B 76 3.45 -10.92 12.47
C GLN B 76 2.27 -10.62 11.54
N SER B 77 2.53 -10.12 10.34
CA SER B 77 1.49 -9.78 9.39
C SER B 77 1.17 -10.92 8.44
N GLY B 78 1.79 -12.09 8.62
CA GLY B 78 1.56 -13.20 7.73
C GLY B 78 2.14 -13.00 6.34
N LEU B 79 3.17 -12.16 6.23
CA LEU B 79 3.79 -11.85 4.94
C LEU B 79 4.95 -12.76 4.58
N LEU B 80 5.40 -13.60 5.51
CA LEU B 80 6.58 -14.44 5.31
C LEU B 80 6.19 -15.90 5.35
N ALA B 81 6.74 -16.68 4.41
CA ALA B 81 6.56 -18.12 4.43
C ALA B 81 7.50 -18.75 5.44
N GLU B 82 7.05 -19.88 6.01
CA GLU B 82 7.87 -20.61 6.97
C GLU B 82 8.96 -21.38 6.23
N ILE B 83 10.16 -21.39 6.82
CA ILE B 83 11.32 -22.05 6.24
C ILE B 83 11.46 -23.42 6.87
N THR B 84 11.70 -24.44 6.04
CA THR B 84 11.84 -25.82 6.50
C THR B 84 13.06 -26.45 5.83
N PRO B 85 14.26 -26.00 6.19
CA PRO B 85 15.47 -26.55 5.58
C PRO B 85 15.85 -27.88 6.22
N ALA B 86 16.58 -28.68 5.44
CA ALA B 86 17.04 -29.98 5.92
C ALA B 86 18.05 -29.81 7.05
N ALA B 87 18.15 -30.85 7.88
CA ALA B 87 19.06 -30.80 9.02
C ALA B 87 20.49 -30.56 8.58
N ALA B 88 20.90 -31.17 7.47
CA ALA B 88 22.24 -30.94 6.94
C ALA B 88 22.45 -29.46 6.63
N PHE B 89 21.53 -28.88 5.85
CA PHE B 89 21.66 -27.46 5.51
C PHE B 89 21.70 -26.60 6.76
N GLN B 90 20.83 -26.87 7.74
CA GLN B 90 20.89 -26.15 9.00
C GLN B 90 22.27 -26.27 9.64
N ASP B 91 22.87 -27.45 9.55
CA ASP B 91 24.20 -27.66 10.10
C ASP B 91 25.27 -26.90 9.32
N LYS B 92 25.00 -26.55 8.06
CA LYS B 92 25.97 -25.79 7.28
C LYS B 92 26.17 -24.37 7.80
N LEU B 93 25.21 -23.82 8.54
CA LEU B 93 25.28 -22.46 9.02
C LEU B 93 25.38 -22.44 10.55
N TYR B 94 25.98 -21.36 11.06
CA TYR B 94 26.17 -21.25 12.50
C TYR B 94 24.81 -21.18 13.20
N PRO B 95 24.71 -21.73 14.43
CA PRO B 95 23.40 -21.80 15.08
C PRO B 95 22.85 -20.43 15.49
N PHE B 96 23.71 -19.51 15.93
CA PHE B 96 23.20 -18.22 16.39
C PHE B 96 22.54 -17.45 15.26
N THR B 97 23.04 -17.60 14.04
CA THR B 97 22.37 -17.05 12.87
C THR B 97 20.92 -17.53 12.81
N TRP B 98 20.73 -18.84 12.70
CA TRP B 98 19.38 -19.40 12.70
C TRP B 98 18.56 -18.85 13.87
N ASP B 99 19.16 -18.76 15.05
CA ASP B 99 18.42 -18.28 16.22
C ASP B 99 17.95 -16.85 16.04
N ALA B 100 18.72 -16.03 15.31
CA ALA B 100 18.28 -14.66 15.07
C ALA B 100 17.05 -14.60 14.17
N VAL B 101 16.90 -15.57 13.26
CA VAL B 101 15.80 -15.58 12.29
C VAL B 101 14.65 -16.43 12.81
N ARG B 102 14.76 -16.92 14.04
CA ARG B 102 13.67 -17.71 14.62
C ARG B 102 12.69 -16.77 15.31
N TYR B 103 11.42 -16.88 14.94
CA TYR B 103 10.35 -16.05 15.49
C TYR B 103 9.20 -16.94 15.92
N ASN B 104 8.90 -16.94 17.22
CA ASN B 104 7.83 -17.75 17.80
C ASN B 104 8.00 -19.22 17.45
N GLY B 105 9.25 -19.69 17.48
CA GLY B 105 9.55 -21.09 17.30
C GLY B 105 9.80 -21.54 15.87
N LYS B 106 9.51 -20.69 14.89
CA LYS B 106 9.60 -21.06 13.49
C LYS B 106 10.70 -20.25 12.79
N LEU B 107 11.24 -20.82 11.72
CA LEU B 107 12.28 -20.16 10.93
C LEU B 107 11.61 -19.37 9.82
N ILE B 108 11.72 -18.04 9.89
CA ILE B 108 11.04 -17.17 8.94
C ILE B 108 11.95 -16.69 7.80
N ALA B 109 13.22 -17.05 7.80
CA ALA B 109 14.12 -16.64 6.72
C ALA B 109 15.43 -17.42 6.82
N TYR B 110 16.32 -17.18 5.85
CA TYR B 110 17.62 -17.82 5.74
C TYR B 110 18.72 -16.82 6.09
N PRO B 111 19.54 -17.02 7.12
CA PRO B 111 20.62 -16.06 7.40
C PRO B 111 21.69 -16.08 6.31
N ILE B 112 22.00 -14.92 5.76
CA ILE B 112 23.05 -14.81 4.75
C ILE B 112 24.39 -14.27 5.27
N ALA B 113 24.42 -13.58 6.42
CA ALA B 113 25.64 -12.86 6.78
C ALA B 113 25.42 -12.09 8.08
N VAL B 114 26.53 -11.66 8.67
CA VAL B 114 26.54 -10.93 9.94
C VAL B 114 27.14 -9.56 9.68
N GLU B 115 26.44 -8.51 10.12
CA GLU B 115 26.86 -7.13 9.92
C GLU B 115 27.03 -6.43 11.25
N ALA B 116 28.14 -5.73 11.42
CA ALA B 116 28.34 -4.85 12.56
C ALA B 116 29.18 -3.67 12.11
N LEU B 117 28.85 -2.49 12.61
CA LEU B 117 29.60 -1.30 12.26
C LEU B 117 30.99 -1.35 12.87
N SER B 118 31.95 -0.79 12.14
CA SER B 118 33.34 -0.72 12.57
C SER B 118 33.90 0.64 12.23
N LEU B 119 35.05 0.94 12.80
CA LEU B 119 35.72 2.22 12.59
C LEU B 119 36.71 2.07 11.43
N ILE B 120 36.41 2.75 10.32
CA ILE B 120 37.27 2.75 9.15
C ILE B 120 38.03 4.08 9.15
N TYR B 121 39.36 4.01 9.12
CA TYR B 121 40.21 5.19 9.26
C TYR B 121 41.26 5.22 8.16
N ASN B 122 41.68 6.43 7.81
CA ASN B 122 42.72 6.64 6.82
C ASN B 122 44.08 6.57 7.51
N LYS B 123 44.92 5.64 7.07
CA LYS B 123 46.21 5.44 7.73
C LYS B 123 47.20 6.54 7.39
N ASP B 124 47.10 7.11 6.18
CA ASP B 124 48.01 8.20 5.81
C ASP B 124 47.73 9.45 6.65
N LEU B 125 46.47 9.77 6.87
CA LEU B 125 46.12 10.93 7.69
C LEU B 125 46.24 10.63 9.17
N LEU B 126 45.88 9.41 9.58
CA LEU B 126 45.79 9.05 11.00
C LEU B 126 46.36 7.66 11.20
N PRO B 127 47.69 7.54 11.31
CA PRO B 127 48.28 6.21 11.50
C PRO B 127 47.81 5.49 12.74
N ASN B 128 47.53 6.22 13.83
CA ASN B 128 47.13 5.64 15.11
C ASN B 128 45.78 6.21 15.52
N PRO B 129 44.67 5.59 15.13
CA PRO B 129 43.36 6.15 15.44
C PRO B 129 43.09 6.12 16.94
N PRO B 130 42.16 6.95 17.41
CA PRO B 130 41.89 7.00 18.85
C PRO B 130 41.11 5.78 19.32
N LYS B 131 41.37 5.40 20.58
CA LYS B 131 40.65 4.32 21.23
C LYS B 131 39.47 4.81 22.07
N THR B 132 39.22 6.12 22.09
CA THR B 132 38.14 6.69 22.89
C THR B 132 37.44 7.79 22.09
N TRP B 133 36.15 7.97 22.37
CA TRP B 133 35.42 9.08 21.77
C TRP B 133 35.92 10.41 22.29
N GLU B 134 36.35 10.47 23.56
CA GLU B 134 36.72 11.73 24.18
C GLU B 134 37.93 12.37 23.53
N GLU B 135 38.72 11.61 22.76
CA GLU B 135 39.85 12.17 22.05
C GLU B 135 39.46 12.79 20.72
N ILE B 136 38.27 12.48 20.20
CA ILE B 136 37.87 12.98 18.88
C ILE B 136 37.91 14.51 18.82
N PRO B 137 37.43 15.24 19.81
CA PRO B 137 37.55 16.71 19.72
C PRO B 137 38.98 17.19 19.56
N ALA B 138 39.89 16.70 20.40
CA ALA B 138 41.27 17.16 20.35
C ALA B 138 41.89 16.89 18.98
N LEU B 139 41.62 15.71 18.41
CA LEU B 139 42.09 15.42 17.06
C LEU B 139 41.49 16.39 16.06
N ASP B 140 40.19 16.67 16.17
CA ASP B 140 39.52 17.49 15.16
C ASP B 140 40.22 18.83 15.00
N LYS B 141 40.41 19.56 16.11
CA LYS B 141 41.06 20.86 16.06
C LYS B 141 42.37 20.79 15.28
N GLU B 142 43.11 19.69 15.41
CA GLU B 142 44.35 19.53 14.66
C GLU B 142 44.05 19.40 13.17
N LEU B 143 43.22 18.43 12.81
CA LEU B 143 42.98 18.15 11.39
C LEU B 143 42.30 19.32 10.69
N LYS B 144 41.39 20.02 11.38
CA LYS B 144 40.77 21.19 10.79
C LYS B 144 41.80 22.26 10.46
N ALA B 145 42.91 22.30 11.20
CA ALA B 145 43.97 23.25 10.87
C ALA B 145 44.69 22.86 9.59
N LYS B 146 44.66 21.58 9.22
CA LYS B 146 45.28 21.12 7.98
C LYS B 146 44.28 21.03 6.82
N GLY B 147 43.04 21.45 7.03
CA GLY B 147 42.03 21.36 6.00
C GLY B 147 41.28 20.05 5.97
N LYS B 148 41.42 19.21 6.98
CA LYS B 148 40.77 17.91 7.05
C LYS B 148 39.82 17.89 8.24
N SER B 149 39.19 16.74 8.47
CA SER B 149 38.28 16.55 9.59
C SER B 149 38.51 15.18 10.19
N ALA B 150 38.29 15.08 11.51
CA ALA B 150 38.60 13.85 12.22
C ALA B 150 37.63 12.73 11.86
N LEU B 151 36.33 12.98 11.99
CA LEU B 151 35.32 11.94 11.84
C LEU B 151 34.08 12.49 11.15
N MET B 152 33.57 11.71 10.19
CA MET B 152 32.28 12.00 9.58
C MET B 152 31.56 10.68 9.34
N PHE B 153 30.32 10.61 9.82
CA PHE B 153 29.48 9.42 9.62
C PHE B 153 28.03 9.86 9.64
N ASN B 154 27.15 8.96 9.18
CA ASN B 154 25.75 9.32 9.00
C ASN B 154 25.08 9.53 10.34
N LEU B 155 24.54 10.73 10.57
CA LEU B 155 23.75 11.04 11.74
C LEU B 155 22.25 10.96 11.48
N GLN B 156 21.85 10.72 10.23
CA GLN B 156 20.43 10.66 9.90
C GLN B 156 19.80 9.35 10.31
N GLU B 157 20.57 8.25 10.25
CA GLU B 157 20.10 6.93 10.65
C GLU B 157 20.61 6.62 12.04
N PRO B 158 19.75 6.21 12.98
CA PRO B 158 20.23 5.91 14.34
C PRO B 158 21.13 4.69 14.41
N TYR B 159 21.13 3.85 13.37
CA TYR B 159 21.99 2.66 13.39
C TYR B 159 23.45 3.05 13.59
N PHE B 160 23.87 4.19 13.02
CA PHE B 160 25.25 4.60 13.11
C PHE B 160 25.58 5.30 14.44
N THR B 161 24.60 5.98 15.04
CA THR B 161 24.83 6.66 16.31
C THR B 161 24.52 5.80 17.53
N TRP B 162 23.94 4.62 17.33
CA TRP B 162 23.55 3.76 18.44
C TRP B 162 24.76 3.25 19.22
N PRO B 163 25.87 2.90 18.57
CA PRO B 163 27.04 2.43 19.34
C PRO B 163 27.44 3.37 20.46
N LEU B 164 27.46 4.68 20.18
CA LEU B 164 27.81 5.65 21.21
C LEU B 164 26.74 5.74 22.29
N ILE B 165 25.46 5.70 21.88
CA ILE B 165 24.36 5.86 22.82
C ILE B 165 24.30 4.69 23.79
N ALA B 166 24.52 3.47 23.30
CA ALA B 166 24.41 2.27 24.11
C ALA B 166 25.67 1.94 24.89
N ALA B 167 26.80 2.55 24.55
CA ALA B 167 28.06 2.23 25.22
C ALA B 167 27.94 2.38 26.73
N ASP B 168 27.25 3.42 27.18
CA ASP B 168 27.15 3.75 28.59
C ASP B 168 25.96 3.09 29.27
N GLY B 169 25.28 2.16 28.60
CA GLY B 169 24.15 1.45 29.17
C GLY B 169 22.81 1.73 28.53
N GLY B 170 22.73 2.65 27.58
CA GLY B 170 21.52 2.77 26.79
C GLY B 170 21.20 1.45 26.11
N TYR B 171 19.91 1.11 26.06
CA TYR B 171 19.48 -0.15 25.47
C TYR B 171 18.09 -0.01 24.88
N ALA B 172 17.85 -0.76 23.80
CA ALA B 172 16.56 -0.69 23.12
C ALA B 172 15.45 -1.36 23.94
N PHE B 173 15.63 -2.62 24.30
CA PHE B 173 14.63 -3.38 25.04
C PHE B 173 15.32 -4.25 26.06
N LYS B 174 14.72 -4.39 27.24
CA LYS B 174 15.26 -5.24 28.29
C LYS B 174 14.69 -6.64 28.14
N TYR B 175 15.56 -7.64 28.21
CA TYR B 175 15.17 -9.03 28.07
C TYR B 175 14.84 -9.60 29.45
N ALA B 176 13.60 -10.07 29.62
CA ALA B 176 13.17 -10.64 30.88
C ALA B 176 12.11 -11.70 30.61
N ALA B 177 12.13 -12.76 31.41
CA ALA B 177 11.15 -13.84 31.31
C ALA B 177 11.10 -14.42 29.90
N GLY B 178 12.29 -14.76 29.39
CA GLY B 178 12.39 -15.43 28.10
C GLY B 178 11.96 -14.62 26.91
N LYS B 179 11.66 -13.33 27.08
CA LYS B 179 11.26 -12.49 25.97
C LYS B 179 11.74 -11.07 26.23
N TYR B 180 11.85 -10.29 25.15
CA TYR B 180 12.19 -8.89 25.29
C TYR B 180 11.00 -8.11 25.84
N ASP B 181 11.23 -7.39 26.94
CA ASP B 181 10.15 -6.71 27.65
C ASP B 181 9.86 -5.37 26.98
N ILE B 182 8.62 -5.19 26.54
CA ILE B 182 8.24 -3.96 25.85
C ILE B 182 8.00 -2.83 26.84
N LYS B 183 7.51 -3.13 28.04
CA LYS B 183 7.25 -2.10 29.04
C LYS B 183 8.53 -1.52 29.63
N ASP B 184 9.69 -2.11 29.35
CA ASP B 184 10.98 -1.62 29.84
C ASP B 184 11.82 -1.19 28.65
N VAL B 185 12.05 0.12 28.53
CA VAL B 185 12.83 0.69 27.44
C VAL B 185 13.94 1.54 28.03
N GLY B 186 15.14 1.42 27.47
CA GLY B 186 16.31 2.07 28.04
C GLY B 186 16.82 3.27 27.28
N VAL B 187 16.00 3.88 26.43
CA VAL B 187 16.46 5.02 25.65
C VAL B 187 16.57 6.28 26.50
N ASP B 188 15.82 6.37 27.60
CA ASP B 188 15.76 7.57 28.42
C ASP B 188 16.72 7.54 29.60
N ASN B 189 17.55 6.51 29.73
CA ASN B 189 18.37 6.34 30.91
C ASN B 189 19.62 7.21 30.83
N ALA B 190 20.46 7.13 31.86
CA ALA B 190 21.63 8.01 31.96
C ALA B 190 22.67 7.70 30.89
N GLY B 191 22.82 6.43 30.52
CA GLY B 191 23.82 6.09 29.52
C GLY B 191 23.51 6.69 28.16
N ALA B 192 22.27 6.50 27.69
CA ALA B 192 21.87 7.08 26.41
C ALA B 192 21.98 8.59 26.44
N LYS B 193 21.50 9.22 27.52
CA LYS B 193 21.62 10.67 27.65
C LYS B 193 23.07 11.10 27.56
N ALA B 194 23.98 10.31 28.13
CA ALA B 194 25.40 10.67 28.10
C ALA B 194 25.96 10.55 26.69
N GLY B 195 25.63 9.47 25.99
CA GLY B 195 26.13 9.29 24.63
C GLY B 195 25.59 10.32 23.66
N LEU B 196 24.26 10.42 23.57
CA LEU B 196 23.65 11.39 22.67
C LEU B 196 24.04 12.81 23.07
N THR B 197 24.14 13.08 24.36
CA THR B 197 24.61 14.39 24.80
C THR B 197 26.02 14.65 24.28
N PHE B 198 26.88 13.65 24.35
CA PHE B 198 28.24 13.80 23.80
C PHE B 198 28.19 14.10 22.30
N LEU B 199 27.28 13.43 21.58
CA LEU B 199 27.12 13.72 20.16
C LEU B 199 26.70 15.16 19.93
N VAL B 200 25.68 15.62 20.65
CA VAL B 200 25.19 16.99 20.50
C VAL B 200 26.28 17.99 20.84
N ASP B 201 27.14 17.66 21.82
CA ASP B 201 28.27 18.54 22.12
C ASP B 201 29.26 18.56 20.96
N LEU B 202 29.53 17.39 20.36
CA LEU B 202 30.38 17.37 19.18
C LEU B 202 29.82 18.21 18.05
N ILE B 203 28.49 18.29 17.95
CA ILE B 203 27.88 19.10 16.90
C ILE B 203 27.94 20.59 17.26
N LYS B 204 27.74 20.92 18.54
CA LYS B 204 27.76 22.32 18.97
C LYS B 204 29.15 22.92 18.82
N ASN B 205 30.20 22.14 19.04
CA ASN B 205 31.57 22.60 18.87
C ASN B 205 32.03 22.55 17.42
N LYS B 206 31.15 22.16 16.50
CA LYS B 206 31.44 22.14 15.07
C LYS B 206 32.54 21.14 14.72
N HIS B 207 32.69 20.10 15.53
CA HIS B 207 33.50 18.95 15.13
C HIS B 207 32.75 18.05 14.15
N MET B 208 31.42 18.15 14.11
CA MET B 208 30.62 17.45 13.12
C MET B 208 29.40 18.31 12.80
N ASN B 209 28.79 18.01 11.66
CA ASN B 209 27.60 18.72 11.20
C ASN B 209 26.38 17.82 11.33
N ALA B 210 25.26 18.41 11.77
CA ALA B 210 24.05 17.64 12.00
C ALA B 210 23.36 17.22 10.71
N ASP B 211 23.74 17.82 9.57
CA ASP B 211 23.14 17.47 8.29
C ASP B 211 23.90 16.36 7.56
N THR B 212 25.05 15.93 8.07
CA THR B 212 25.82 14.89 7.41
C THR B 212 25.00 13.60 7.32
N ASP B 213 25.00 12.99 6.14
CA ASP B 213 24.28 11.73 5.93
C ASP B 213 25.22 10.68 5.33
N TYR B 214 24.67 9.53 4.96
CA TYR B 214 25.51 8.44 4.47
C TYR B 214 26.36 8.87 3.28
N SER B 215 25.73 9.44 2.25
CA SER B 215 26.47 9.79 1.04
C SER B 215 27.48 10.89 1.30
N ILE B 216 27.15 11.84 2.17
CA ILE B 216 28.11 12.89 2.53
C ILE B 216 29.33 12.29 3.19
N ALA B 217 29.13 11.37 4.13
CA ALA B 217 30.25 10.75 4.82
C ALA B 217 31.09 9.91 3.86
N GLU B 218 30.44 9.13 3.01
CA GLU B 218 31.17 8.32 2.04
C GLU B 218 31.99 9.20 1.10
N HIS B 219 31.40 10.31 0.64
CA HIS B 219 32.13 11.22 -0.24
C HIS B 219 33.30 11.87 0.48
N ALA B 220 33.10 12.26 1.74
CA ALA B 220 34.17 12.91 2.49
C ALA B 220 35.33 11.97 2.73
N PHE B 221 35.04 10.75 3.20
CA PHE B 221 36.11 9.83 3.55
C PHE B 221 36.79 9.27 2.30
N ASN B 222 36.00 8.76 1.35
CA ASN B 222 36.58 8.10 0.19
C ASN B 222 37.44 9.04 -0.65
N HIS B 223 37.21 10.35 -0.57
CA HIS B 223 38.04 11.31 -1.29
C HIS B 223 39.17 11.87 -0.44
N GLY B 224 39.28 11.46 0.82
CA GLY B 224 40.37 11.88 1.67
C GLY B 224 40.13 13.15 2.46
N GLU B 225 38.89 13.65 2.51
CA GLU B 225 38.61 14.88 3.22
C GLU B 225 38.54 14.67 4.73
N THR B 226 38.05 13.51 5.18
CA THR B 226 38.00 13.17 6.60
C THR B 226 38.88 11.96 6.86
N ALA B 227 39.44 11.90 8.06
CA ALA B 227 40.37 10.83 8.41
C ALA B 227 39.65 9.54 8.79
N MET B 228 38.42 9.63 9.31
CA MET B 228 37.73 8.47 9.84
C MET B 228 36.27 8.48 9.43
N THR B 229 35.68 7.29 9.45
CA THR B 229 34.24 7.12 9.25
C THR B 229 33.81 5.84 9.97
N ILE B 230 32.51 5.72 10.19
CA ILE B 230 31.92 4.54 10.82
C ILE B 230 30.98 3.90 9.80
N ASN B 231 31.29 2.66 9.42
CA ASN B 231 30.50 1.99 8.39
C ASN B 231 30.68 0.49 8.52
N GLY B 232 29.97 -0.25 7.66
CA GLY B 232 30.03 -1.70 7.65
C GLY B 232 30.77 -2.24 6.45
N PRO B 233 30.71 -3.56 6.27
CA PRO B 233 31.46 -4.18 5.16
C PRO B 233 31.06 -3.67 3.78
N TRP B 234 29.77 -3.44 3.55
CA TRP B 234 29.29 -3.06 2.23
C TRP B 234 30.05 -1.85 1.66
N ALA B 235 30.58 -1.00 2.54
CA ALA B 235 31.26 0.20 2.07
C ALA B 235 32.66 -0.07 1.55
N TRP B 236 33.36 -1.07 2.13
CA TRP B 236 34.78 -1.26 1.83
C TRP B 236 35.05 -1.24 0.34
N SER B 237 34.21 -1.91 -0.45
CA SER B 237 34.47 -2.00 -1.89
C SER B 237 34.74 -0.61 -2.47
N ASN B 238 33.86 0.35 -2.20
CA ASN B 238 34.03 1.69 -2.74
C ASN B 238 35.38 2.28 -2.33
N ILE B 239 35.77 2.09 -1.07
CA ILE B 239 37.03 2.62 -0.60
C ILE B 239 38.19 1.94 -1.31
N ASP B 240 38.01 0.69 -1.74
CA ASP B 240 39.05 0.04 -2.52
C ASP B 240 39.21 0.69 -3.88
N THR B 241 38.14 1.29 -4.42
CA THR B 241 38.22 1.98 -5.70
C THR B 241 38.89 3.35 -5.55
N SER B 242 38.77 3.97 -4.38
CA SER B 242 39.37 5.27 -4.15
C SER B 242 40.88 5.13 -3.97
N ALA B 243 41.54 6.26 -3.78
CA ALA B 243 42.97 6.30 -3.50
C ALA B 243 43.27 6.22 -2.02
N VAL B 244 42.26 6.07 -1.17
CA VAL B 244 42.44 6.06 0.28
C VAL B 244 42.87 4.67 0.71
N ASN B 245 43.98 4.60 1.44
CA ASN B 245 44.40 3.38 2.13
C ASN B 245 43.81 3.42 3.53
N TYR B 246 43.00 2.41 3.87
CA TYR B 246 42.17 2.44 5.05
C TYR B 246 42.38 1.21 5.91
N GLY B 247 42.37 1.41 7.22
CA GLY B 247 42.26 0.32 8.16
C GLY B 247 40.85 0.18 8.70
N VAL B 248 40.58 -0.97 9.29
CA VAL B 248 39.29 -1.25 9.94
C VAL B 248 39.60 -1.77 11.33
N THR B 249 39.15 -1.05 12.36
CA THR B 249 39.53 -1.35 13.73
C THR B 249 38.29 -1.25 14.63
N VAL B 250 38.51 -1.48 15.93
CA VAL B 250 37.43 -1.42 16.91
C VAL B 250 36.91 0.00 17.00
N LEU B 251 35.61 0.13 17.30
CA LEU B 251 35.03 1.44 17.51
C LEU B 251 35.61 2.06 18.78
N PRO B 252 35.69 3.39 18.85
CA PRO B 252 36.21 4.02 20.07
C PRO B 252 35.34 3.72 21.27
N THR B 253 35.99 3.60 22.43
CA THR B 253 35.25 3.46 23.67
C THR B 253 34.64 4.80 24.07
N PHE B 254 33.61 4.74 24.90
CA PHE B 254 32.97 5.91 25.46
C PHE B 254 32.89 5.74 26.97
N LYS B 255 33.37 6.76 27.70
CA LYS B 255 33.43 6.68 29.16
C LYS B 255 34.11 5.39 29.62
N GLY B 256 35.15 5.00 28.89
CA GLY B 256 35.89 3.80 29.22
C GLY B 256 35.19 2.51 28.89
N GLN B 257 34.11 2.56 28.11
CA GLN B 257 33.33 1.38 27.78
C GLN B 257 33.28 1.19 26.27
N PRO B 258 33.26 -0.04 25.79
CA PRO B 258 33.27 -0.26 24.34
C PRO B 258 31.95 0.13 23.70
N SER B 259 32.03 0.72 22.52
CA SER B 259 30.83 1.03 21.75
C SER B 259 30.11 -0.26 21.38
N LYS B 260 28.79 -0.23 21.47
CA LYS B 260 27.94 -1.43 21.35
C LYS B 260 27.03 -1.29 20.15
N PRO B 261 27.53 -1.55 18.94
CA PRO B 261 26.67 -1.47 17.76
C PRO B 261 25.62 -2.57 17.76
N PHE B 262 24.46 -2.26 17.21
CA PHE B 262 23.41 -3.26 17.05
C PHE B 262 23.79 -4.17 15.89
N VAL B 263 23.91 -5.47 16.16
CA VAL B 263 24.42 -6.42 15.19
C VAL B 263 23.24 -6.96 14.39
N GLY B 264 23.25 -6.74 13.08
CA GLY B 264 22.26 -7.31 12.20
C GLY B 264 22.75 -8.58 11.53
N VAL B 265 21.79 -9.39 11.10
CA VAL B 265 22.06 -10.60 10.33
C VAL B 265 21.30 -10.46 9.02
N LEU B 266 22.03 -10.30 7.92
CA LEU B 266 21.38 -10.21 6.62
C LEU B 266 20.63 -11.52 6.36
N SER B 267 19.33 -11.40 6.07
CA SER B 267 18.46 -12.55 5.96
C SER B 267 17.61 -12.42 4.70
N ALA B 268 17.20 -13.55 4.14
CA ALA B 268 16.33 -13.59 2.97
C ALA B 268 15.01 -14.21 3.39
N GLY B 269 13.95 -13.41 3.37
CA GLY B 269 12.62 -13.93 3.60
C GLY B 269 11.95 -14.27 2.29
N ILE B 270 10.92 -15.11 2.36
CA ILE B 270 10.16 -15.55 1.20
C ILE B 270 8.73 -15.03 1.37
N ASN B 271 8.26 -14.29 0.38
CA ASN B 271 6.91 -13.74 0.41
C ASN B 271 5.89 -14.86 0.55
N ALA B 272 4.95 -14.70 1.48
CA ALA B 272 3.92 -15.71 1.70
C ALA B 272 3.01 -15.87 0.49
N ALA B 273 2.88 -14.84 -0.34
CA ALA B 273 2.02 -14.89 -1.52
C ALA B 273 2.73 -15.45 -2.74
N SER B 274 4.03 -15.73 -2.66
CA SER B 274 4.78 -16.15 -3.82
C SER B 274 4.37 -17.57 -4.23
N PRO B 275 3.99 -17.80 -5.49
CA PRO B 275 3.84 -19.18 -5.97
C PRO B 275 5.15 -19.90 -6.15
N ASN B 276 6.27 -19.17 -6.20
CA ASN B 276 7.58 -19.70 -6.55
C ASN B 276 8.36 -20.21 -5.35
N LYS B 277 7.73 -20.30 -4.18
CA LYS B 277 8.44 -20.62 -2.93
C LYS B 277 9.43 -21.77 -3.10
N GLU B 278 9.04 -22.82 -3.83
CA GLU B 278 9.97 -23.93 -4.05
C GLU B 278 11.19 -23.47 -4.84
N LEU B 279 10.99 -22.57 -5.80
CA LEU B 279 12.09 -22.08 -6.61
C LEU B 279 12.95 -21.10 -5.81
N ALA B 280 12.33 -20.29 -4.95
CA ALA B 280 13.09 -19.41 -4.08
C ALA B 280 13.95 -20.22 -3.12
N LYS B 281 13.40 -21.31 -2.57
CA LYS B 281 14.17 -22.17 -1.69
C LYS B 281 15.30 -22.86 -2.44
N GLU B 282 15.03 -23.34 -3.65
CA GLU B 282 16.08 -23.95 -4.46
C GLU B 282 17.21 -22.96 -4.71
N PHE B 283 16.85 -21.75 -5.16
CA PHE B 283 17.84 -20.74 -5.49
C PHE B 283 18.66 -20.33 -4.27
N LEU B 284 17.99 -20.10 -3.14
CA LEU B 284 18.72 -19.65 -1.95
C LEU B 284 19.58 -20.78 -1.38
N GLU B 285 19.02 -21.98 -1.27
CA GLU B 285 19.73 -23.08 -0.61
C GLU B 285 20.89 -23.58 -1.46
N ASN B 286 20.61 -23.99 -2.70
CA ASN B 286 21.60 -24.68 -3.52
C ASN B 286 22.34 -23.78 -4.49
N TYR B 287 22.01 -22.49 -4.53
CA TYR B 287 22.71 -21.54 -5.40
C TYR B 287 23.28 -20.38 -4.62
N LEU B 288 22.45 -19.56 -3.98
CA LEU B 288 22.98 -18.39 -3.29
C LEU B 288 23.96 -18.79 -2.19
N LEU B 289 23.57 -19.74 -1.33
CA LEU B 289 24.42 -20.09 -0.20
C LEU B 289 25.34 -21.22 -0.65
N THR B 290 26.55 -20.84 -1.04
CA THR B 290 27.63 -21.73 -1.44
C THR B 290 28.89 -20.88 -1.38
N ASP B 291 30.05 -21.55 -1.41
CA ASP B 291 31.30 -20.80 -1.53
C ASP B 291 31.23 -19.85 -2.74
N GLU B 292 30.71 -20.34 -3.86
CA GLU B 292 30.76 -19.58 -5.11
C GLU B 292 29.85 -18.35 -5.06
N GLY B 293 28.58 -18.53 -4.72
CA GLY B 293 27.64 -17.42 -4.72
C GLY B 293 28.02 -16.32 -3.75
N LEU B 294 28.19 -16.70 -2.48
CA LEU B 294 28.63 -15.73 -1.49
C LEU B 294 29.96 -15.11 -1.88
N GLU B 295 30.82 -15.85 -2.59
CA GLU B 295 32.06 -15.26 -3.07
C GLU B 295 31.77 -14.17 -4.10
N ALA B 296 30.81 -14.39 -5.01
CA ALA B 296 30.47 -13.38 -6.00
C ALA B 296 29.92 -12.13 -5.34
N VAL B 297 28.86 -12.29 -4.54
CA VAL B 297 28.29 -11.13 -3.86
C VAL B 297 29.36 -10.42 -3.05
N ASN B 298 30.26 -11.18 -2.43
CA ASN B 298 31.37 -10.59 -1.70
C ASN B 298 32.27 -9.79 -2.63
N LYS B 299 32.48 -10.28 -3.85
CA LYS B 299 33.31 -9.56 -4.81
C LYS B 299 32.72 -8.19 -5.12
N ASP B 300 31.42 -8.14 -5.41
CA ASP B 300 30.81 -6.84 -5.68
C ASP B 300 30.91 -5.93 -4.45
N LYS B 301 30.37 -6.39 -3.32
CA LYS B 301 30.45 -5.65 -2.07
C LYS B 301 30.66 -6.65 -0.94
N PRO B 302 31.46 -6.32 0.08
CA PRO B 302 31.66 -7.26 1.19
C PRO B 302 30.41 -7.44 2.03
N LEU B 303 30.20 -8.66 2.48
CA LEU B 303 29.09 -9.02 3.35
C LEU B 303 29.48 -9.07 4.82
N GLY B 304 30.74 -8.82 5.14
CA GLY B 304 31.22 -9.04 6.49
C GLY B 304 31.45 -10.52 6.75
N ALA B 305 31.11 -10.99 7.93
CA ALA B 305 31.22 -12.41 8.27
C ALA B 305 29.95 -13.12 7.79
N VAL B 306 30.11 -14.06 6.86
CA VAL B 306 28.97 -14.79 6.34
C VAL B 306 28.55 -15.86 7.34
N ALA B 307 27.28 -16.29 7.23
CA ALA B 307 26.77 -17.35 8.08
C ALA B 307 27.23 -18.73 7.62
N LEU B 308 27.65 -18.87 6.36
CA LEU B 308 28.08 -20.16 5.84
C LEU B 308 29.47 -20.47 6.36
N LYS B 309 29.62 -21.63 7.01
CA LYS B 309 30.87 -21.96 7.67
C LYS B 309 32.01 -22.08 6.65
N SER B 310 31.83 -22.88 5.61
CA SER B 310 32.91 -23.16 4.67
C SER B 310 33.57 -21.89 4.17
N TYR B 311 32.76 -20.90 3.78
CA TYR B 311 33.30 -19.63 3.29
C TYR B 311 33.76 -18.72 4.43
N GLU B 312 33.05 -18.75 5.56
CA GLU B 312 33.43 -17.92 6.70
C GLU B 312 34.86 -18.23 7.12
N GLU B 313 35.21 -19.50 7.26
CA GLU B 313 36.55 -19.88 7.67
C GLU B 313 37.60 -19.19 6.80
N GLU B 314 37.30 -18.98 5.53
CA GLU B 314 38.20 -18.25 4.65
C GLU B 314 38.08 -16.74 4.84
N LEU B 315 36.91 -16.25 5.21
CA LEU B 315 36.75 -14.80 5.39
C LEU B 315 37.37 -14.29 6.68
N VAL B 316 37.37 -15.11 7.74
CA VAL B 316 37.96 -14.66 9.00
C VAL B 316 39.41 -14.26 8.80
N LYS B 317 40.08 -14.87 7.81
CA LYS B 317 41.45 -14.47 7.51
C LYS B 317 41.55 -12.98 7.20
N ASP B 318 40.48 -12.40 6.67
CA ASP B 318 40.45 -10.96 6.42
C ASP B 318 40.47 -10.21 7.75
N PRO B 319 41.45 -9.34 8.01
CA PRO B 319 41.43 -8.59 9.27
C PRO B 319 40.23 -7.66 9.39
N ARG B 320 39.68 -7.21 8.26
CA ARG B 320 38.49 -6.38 8.32
C ARG B 320 37.29 -7.18 8.86
N VAL B 321 37.16 -8.44 8.43
CA VAL B 321 36.09 -9.28 8.95
C VAL B 321 36.34 -9.59 10.41
N ALA B 322 37.59 -9.86 10.79
CA ALA B 322 37.91 -10.09 12.19
C ALA B 322 37.49 -8.89 13.04
N ALA B 323 37.79 -7.68 12.57
CA ALA B 323 37.34 -6.48 13.28
C ALA B 323 35.83 -6.40 13.32
N THR B 324 35.16 -6.76 12.23
CA THR B 324 33.72 -6.76 12.20
C THR B 324 33.15 -7.68 13.29
N MET B 325 33.78 -8.84 13.50
CA MET B 325 33.30 -9.76 14.52
C MET B 325 33.71 -9.29 15.91
N GLU B 326 34.78 -8.50 16.03
CA GLU B 326 35.13 -7.91 17.31
C GLU B 326 34.09 -6.89 17.75
N ASN B 327 33.80 -5.91 16.89
CA ASN B 327 32.74 -4.96 17.18
C ASN B 327 31.41 -5.67 17.37
N ALA B 328 31.14 -6.70 16.57
CA ALA B 328 29.88 -7.44 16.69
C ALA B 328 29.77 -8.09 18.06
N GLN B 329 30.85 -8.72 18.53
CA GLN B 329 30.82 -9.37 19.84
C GLN B 329 30.73 -8.34 20.96
N LYS B 330 31.26 -7.14 20.75
CA LYS B 330 31.09 -6.09 21.75
C LYS B 330 29.67 -5.51 21.72
N GLY B 331 29.00 -5.60 20.57
CA GLY B 331 27.64 -5.14 20.43
C GLY B 331 26.64 -6.21 20.83
N GLU B 332 25.43 -6.08 20.31
CA GLU B 332 24.35 -7.02 20.63
C GLU B 332 23.57 -7.32 19.37
N ILE B 333 22.99 -8.52 19.32
CA ILE B 333 22.12 -8.90 18.22
C ILE B 333 20.79 -8.17 18.34
N MET B 334 20.35 -7.56 17.25
CA MET B 334 19.07 -6.86 17.26
C MET B 334 17.94 -7.87 17.49
N PRO B 335 16.98 -7.57 18.36
CA PRO B 335 15.75 -8.37 18.39
C PRO B 335 15.01 -8.23 17.06
N ASN B 336 14.30 -9.29 16.68
CA ASN B 336 13.51 -9.26 15.46
C ASN B 336 12.04 -8.93 15.71
N ILE B 337 11.66 -8.66 16.96
CA ILE B 337 10.27 -8.40 17.30
C ILE B 337 9.72 -7.26 16.46
N PRO B 338 8.42 -7.20 16.20
CA PRO B 338 7.89 -6.11 15.36
C PRO B 338 8.16 -4.72 15.93
N GLN B 339 8.14 -4.57 17.25
CA GLN B 339 8.29 -3.26 17.87
C GLN B 339 9.57 -2.56 17.44
N MET B 340 10.55 -3.31 16.93
CA MET B 340 11.77 -2.70 16.43
C MET B 340 11.46 -1.62 15.41
N SER B 341 10.53 -1.88 14.49
CA SER B 341 10.16 -0.87 13.50
C SER B 341 9.85 0.45 14.18
N ALA B 342 9.12 0.40 15.31
CA ALA B 342 8.87 1.62 16.07
C ALA B 342 10.16 2.17 16.65
N PHE B 343 10.90 1.32 17.36
CA PHE B 343 12.15 1.74 18.00
C PHE B 343 13.00 2.55 17.02
N TRP B 344 13.43 1.91 15.93
CA TRP B 344 14.31 2.57 14.98
C TRP B 344 13.76 3.91 14.53
N TYR B 345 12.44 4.01 14.34
CA TYR B 345 11.84 5.29 13.98
C TYR B 345 11.99 6.29 15.12
N ALA B 346 11.53 5.90 16.31
CA ALA B 346 11.59 6.81 17.46
C ALA B 346 13.00 7.36 17.64
N VAL B 347 13.99 6.47 17.75
CA VAL B 347 15.37 6.90 17.91
C VAL B 347 15.78 7.79 16.75
N ARG B 348 15.42 7.39 15.52
CA ARG B 348 15.76 8.20 14.35
C ARG B 348 15.31 9.64 14.56
N THR B 349 14.15 9.83 15.18
CA THR B 349 13.68 11.18 15.48
C THR B 349 14.58 11.84 16.52
N ALA B 350 14.77 11.17 17.66
CA ALA B 350 15.48 11.79 18.79
C ALA B 350 16.84 12.30 18.38
N VAL B 351 17.59 11.49 17.61
CA VAL B 351 18.93 11.91 17.18
C VAL B 351 18.81 13.14 16.28
N ILE B 352 17.90 13.10 15.31
CA ILE B 352 17.80 14.19 14.35
C ILE B 352 17.41 15.49 15.06
N ASN B 353 16.27 15.49 15.73
CA ASN B 353 15.81 16.69 16.44
C ASN B 353 16.89 17.20 17.38
N ALA B 354 17.39 16.32 18.25
CA ALA B 354 18.44 16.74 19.19
C ALA B 354 19.64 17.30 18.44
N ALA B 355 19.98 16.73 17.28
CA ALA B 355 21.11 17.22 16.51
C ALA B 355 20.80 18.57 15.87
N SER B 356 19.54 18.83 15.56
CA SER B 356 19.11 20.09 14.95
C SER B 356 18.76 21.15 15.98
N GLY B 357 18.84 20.84 17.26
CA GLY B 357 18.40 21.75 18.30
C GLY B 357 16.90 21.85 18.45
N ARG B 358 16.13 21.14 17.63
CA ARG B 358 14.68 21.16 17.75
C ARG B 358 14.23 20.76 19.15
N GLN B 359 14.93 19.80 19.76
CA GLN B 359 14.56 19.31 21.08
C GLN B 359 15.82 19.14 21.92
N THR B 360 15.64 19.20 23.24
CA THR B 360 16.71 18.87 24.15
C THR B 360 16.90 17.35 24.20
N VAL B 361 18.10 16.94 24.56
CA VAL B 361 18.40 15.50 24.66
C VAL B 361 17.38 14.82 25.58
N ASP B 362 17.07 15.46 26.71
CA ASP B 362 16.10 14.89 27.64
C ASP B 362 14.75 14.68 26.98
N ALA B 363 14.19 15.75 26.41
CA ALA B 363 12.88 15.66 25.76
C ALA B 363 12.91 14.65 24.62
N ALA B 364 13.94 14.75 23.77
CA ALA B 364 14.02 13.84 22.62
C ALA B 364 14.06 12.38 23.06
N LEU B 365 14.79 12.08 24.13
CA LEU B 365 14.93 10.70 24.57
C LEU B 365 13.72 10.22 25.35
N ALA B 366 12.99 11.12 26.02
CA ALA B 366 11.75 10.74 26.67
C ALA B 366 10.68 10.44 25.64
N ALA B 367 10.49 11.35 24.68
CA ALA B 367 9.61 11.07 23.56
C ALA B 367 10.02 9.80 22.83
N ALA B 368 11.32 9.53 22.76
CA ALA B 368 11.78 8.31 22.11
C ALA B 368 11.47 7.07 22.94
N GLN B 369 11.46 7.21 24.27
CA GLN B 369 11.06 6.08 25.10
C GLN B 369 9.58 5.79 24.96
N THR B 370 8.74 6.84 24.98
CA THR B 370 7.31 6.63 24.80
C THR B 370 6.99 6.11 23.41
N ASN B 371 7.77 6.52 22.40
CA ASN B 371 7.50 6.12 21.02
C ASN B 371 8.01 4.71 20.73
N ALA B 372 9.16 4.34 21.28
CA ALA B 372 9.76 3.04 20.97
C ALA B 372 8.80 1.90 21.25
N ALA B 373 7.98 2.01 22.29
CA ALA B 373 6.85 1.12 22.49
C ALA B 373 5.65 1.79 21.84
N ALA B 374 5.18 1.22 20.73
CA ALA B 374 4.23 1.90 19.85
C ALA B 374 3.01 1.03 19.65
N ASP B 375 1.87 1.51 20.14
CA ASP B 375 0.57 1.00 19.72
C ASP B 375 -0.03 1.84 18.60
N TRP B 376 0.67 2.89 18.16
CA TRP B 376 0.16 3.80 17.16
C TRP B 376 1.31 4.32 16.30
N ASP B 377 0.98 4.65 15.05
CA ASP B 377 1.91 5.26 14.11
C ASP B 377 1.25 6.47 13.48
N VAL B 378 2.01 7.56 13.35
CA VAL B 378 1.50 8.81 12.80
C VAL B 378 2.10 9.02 11.42
N TYR B 379 1.26 9.49 10.49
CA TYR B 379 1.71 9.90 9.16
C TYR B 379 1.44 11.40 9.03
N CYS B 380 2.51 12.18 9.03
CA CYS B 380 2.40 13.64 8.96
C CYS B 380 2.47 14.07 7.50
N SER B 381 1.42 14.76 7.04
CA SER B 381 1.45 15.32 5.70
C SER B 381 2.37 16.53 5.64
N GLN B 382 2.80 16.86 4.43
CA GLN B 382 3.56 18.08 4.18
C GLN B 382 2.67 19.25 3.80
N ASP B 383 1.36 19.04 3.69
CA ASP B 383 0.41 20.11 3.42
C ASP B 383 -0.62 20.15 4.54
N GLU B 384 -0.97 21.37 4.96
CA GLU B 384 -1.95 21.54 6.04
C GLU B 384 -3.36 21.16 5.59
N SER B 385 -3.63 21.16 4.28
CA SER B 385 -4.99 20.89 3.81
C SER B 385 -5.41 19.46 4.10
N ILE B 386 -4.49 18.51 3.91
CA ILE B 386 -4.81 17.09 4.09
C ILE B 386 -4.48 16.70 5.53
N PRO B 387 -5.34 15.96 6.23
CA PRO B 387 -5.08 15.65 7.63
C PRO B 387 -4.00 14.59 7.80
N ALA B 388 -3.41 14.58 8.99
CA ALA B 388 -2.50 13.51 9.37
C ALA B 388 -3.31 12.26 9.70
N LYS B 389 -2.64 11.12 9.67
CA LYS B 389 -3.27 9.82 9.82
C LYS B 389 -2.67 9.08 11.02
N PHE B 390 -3.55 8.39 11.75
CA PHE B 390 -3.19 7.70 12.98
C PHE B 390 -3.58 6.23 12.82
N ILE B 391 -2.59 5.35 12.74
CA ILE B 391 -2.82 3.93 12.49
C ILE B 391 -2.30 3.16 13.70
N SER B 392 -3.21 2.46 14.39
CA SER B 392 -2.80 1.65 15.52
C SER B 392 -2.09 0.40 15.05
N ARG B 393 -1.30 -0.19 15.94
CA ARG B 393 -0.66 -1.46 15.66
C ARG B 393 -1.65 -2.59 15.93
N LEU B 394 -1.21 -3.83 15.68
CA LEU B 394 -2.12 -4.96 15.75
C LEU B 394 -2.41 -5.37 17.18
N VAL B 395 -1.38 -5.43 18.03
CA VAL B 395 -1.55 -5.89 19.40
C VAL B 395 -2.24 -7.25 19.39
N THR B 396 -1.53 -8.27 18.92
CA THR B 396 -2.06 -9.63 19.01
C THR B 396 -2.29 -10.02 20.46
N SER B 397 -1.25 -9.94 21.28
CA SER B 397 -1.38 -10.26 22.70
C SER B 397 -0.07 -9.99 23.43
N ALA B 401 -4.48 -5.91 28.49
CA ALA B 401 -3.76 -4.87 27.78
C ALA B 401 -4.63 -4.28 26.67
N LEU B 402 -4.26 -3.09 26.18
CA LEU B 402 -5.01 -2.41 25.13
C LEU B 402 -6.47 -2.20 25.55
N GLU B 403 -6.66 -1.59 26.71
CA GLU B 403 -8.01 -1.38 27.23
C GLU B 403 -8.65 -0.15 26.59
N LYS B 404 -8.24 1.04 27.02
CA LYS B 404 -8.80 2.28 26.48
C LYS B 404 -7.68 3.30 26.34
N THR B 405 -7.62 3.94 25.17
CA THR B 405 -6.60 4.95 24.87
C THR B 405 -7.32 6.27 24.59
N GLU B 406 -7.04 7.28 25.40
CA GLU B 406 -7.70 8.57 25.29
C GLU B 406 -6.74 9.56 24.63
N ILE B 407 -7.16 10.13 23.51
CA ILE B 407 -6.36 11.11 22.79
C ILE B 407 -6.73 12.50 23.29
N ASN B 408 -5.74 13.38 23.39
CA ASN B 408 -5.95 14.75 23.84
C ASN B 408 -5.76 15.68 22.64
N CYS B 409 -6.84 16.31 22.21
CA CYS B 409 -6.86 17.15 21.02
C CYS B 409 -7.31 18.56 21.40
N SER B 410 -7.05 19.51 20.51
CA SER B 410 -7.44 20.89 20.76
C SER B 410 -8.94 20.99 21.06
N ASN B 411 -9.76 20.46 20.16
CA ASN B 411 -11.21 20.52 20.31
C ASN B 411 -11.73 19.66 21.44
N GLY B 412 -10.90 18.81 22.02
CA GLY B 412 -11.32 17.93 23.09
C GLY B 412 -10.50 16.66 23.07
N LEU B 413 -10.99 15.66 23.79
CA LEU B 413 -10.36 14.35 23.83
C LEU B 413 -11.22 13.33 23.12
N VAL B 414 -10.58 12.41 22.41
CA VAL B 414 -11.24 11.39 21.62
C VAL B 414 -10.91 10.03 22.24
N PRO B 415 -11.87 9.33 22.85
CA PRO B 415 -11.57 7.98 23.37
C PRO B 415 -11.56 6.94 22.26
N ILE B 416 -10.65 5.97 22.42
CA ILE B 416 -10.57 4.81 21.54
C ILE B 416 -10.44 3.59 22.44
N THR B 417 -11.25 2.56 22.20
CA THR B 417 -11.43 1.47 23.14
C THR B 417 -11.21 0.12 22.46
N GLN B 418 -10.17 -0.59 22.89
CA GLN B 418 -10.05 -2.02 22.64
C GLN B 418 -10.23 -2.37 21.16
N GLU B 419 -11.32 -3.10 20.87
CA GLU B 419 -11.58 -3.73 19.57
C GLU B 419 -10.43 -4.70 19.26
N PHE B 420 -10.02 -4.83 18.01
CA PHE B 420 -9.01 -5.80 17.61
C PHE B 420 -8.45 -5.39 16.26
N GLY B 421 -7.30 -5.97 15.92
CA GLY B 421 -6.72 -5.71 14.61
C GLY B 421 -6.21 -4.28 14.52
N ILE B 422 -6.62 -3.58 13.46
CA ILE B 422 -6.11 -2.26 13.14
C ILE B 422 -7.21 -1.23 13.35
N ASN B 423 -6.83 -0.08 13.90
CA ASN B 423 -7.75 1.03 14.14
C ASN B 423 -7.11 2.29 13.58
N MET B 424 -7.88 3.08 12.86
CA MET B 424 -7.39 4.30 12.23
C MET B 424 -8.20 5.50 12.71
N MET B 425 -7.53 6.63 12.86
CA MET B 425 -8.16 7.90 13.20
C MET B 425 -7.43 9.01 12.47
N LEU B 426 -8.18 9.94 11.89
CA LEU B 426 -7.60 11.08 11.20
C LEU B 426 -7.40 12.22 12.19
N ILE B 427 -6.18 12.77 12.21
CA ILE B 427 -5.85 13.92 13.03
C ILE B 427 -5.84 15.13 12.11
N GLN B 428 -6.81 16.02 12.28
CA GLN B 428 -6.88 17.22 11.46
C GLN B 428 -5.75 18.18 11.82
N TYR B 429 -5.17 18.80 10.81
CA TYR B 429 -4.31 19.96 11.05
C TYR B 429 -5.25 21.09 11.47
N THR B 430 -4.75 22.31 11.61
CA THR B 430 -5.58 23.27 12.33
C THR B 430 -6.58 23.83 11.33
N ARG B 431 -7.77 23.25 11.36
CA ARG B 431 -8.99 23.72 10.72
C ARG B 431 -10.14 23.06 11.46
N ASN B 432 -11.25 23.77 11.58
CA ASN B 432 -12.45 23.21 12.18
C ASN B 432 -13.44 22.71 11.15
N GLU B 433 -13.08 22.74 9.86
CA GLU B 433 -13.94 22.30 8.76
C GLU B 433 -14.90 23.42 8.36
N ASP B 436 -19.28 18.96 11.29
CA ASP B 436 -18.67 20.11 11.93
C ASP B 436 -17.99 19.73 13.24
N SER B 437 -18.71 18.98 14.08
CA SER B 437 -18.16 18.48 15.34
C SER B 437 -18.61 17.04 15.56
N PRO B 438 -18.21 16.12 14.67
CA PRO B 438 -18.61 14.72 14.84
C PRO B 438 -17.56 13.88 15.56
N GLY B 439 -17.23 14.24 16.79
CA GLY B 439 -16.25 13.47 17.54
C GLY B 439 -14.93 13.33 16.82
N MET B 440 -14.32 14.45 16.45
CA MET B 440 -13.12 14.47 15.63
C MET B 440 -11.95 15.03 16.44
N CYS B 441 -10.74 14.72 15.98
CA CYS B 441 -9.52 15.18 16.62
C CYS B 441 -8.79 16.14 15.71
N VAL B 442 -8.34 17.27 16.27
CA VAL B 442 -7.56 18.26 15.55
C VAL B 442 -6.24 18.47 16.30
N PHE B 443 -5.20 18.81 15.55
CA PHE B 443 -3.89 19.00 16.14
C PHE B 443 -3.88 20.21 17.08
N TRP B 444 -2.90 20.22 17.97
CA TRP B 444 -2.58 21.42 18.72
C TRP B 444 -1.68 22.33 17.88
N GLY B 445 -1.36 23.50 18.42
CA GLY B 445 -0.51 24.44 17.71
C GLY B 445 -1.28 25.30 16.71
N PRO B 446 -0.57 25.90 15.75
CA PRO B 446 0.88 25.79 15.51
C PRO B 446 1.73 26.21 16.71
N TYR B 447 2.92 25.62 16.81
CA TYR B 447 3.84 25.88 17.91
C TYR B 447 5.22 26.22 17.36
N SER B 448 5.95 27.03 18.11
CA SER B 448 7.28 27.45 17.68
C SER B 448 8.25 26.27 17.71
N VAL B 449 9.24 26.33 16.83
CA VAL B 449 10.33 25.37 16.79
C VAL B 449 11.62 26.12 17.09
N PRO B 450 12.32 25.80 18.18
CA PRO B 450 13.55 26.55 18.50
C PRO B 450 14.56 26.49 17.37
N LYS B 451 15.20 27.63 17.10
CA LYS B 451 16.31 27.78 16.17
C LYS B 451 15.89 27.70 14.71
N ASN B 452 14.63 27.41 14.41
CA ASN B 452 14.16 27.29 13.03
C ASN B 452 12.89 28.11 12.87
N ASP B 453 12.94 29.12 12.00
CA ASP B 453 11.77 29.92 11.65
C ASP B 453 10.99 29.34 10.49
N THR B 454 11.52 28.33 9.80
CA THR B 454 10.85 27.77 8.63
C THR B 454 9.74 26.81 9.02
N VAL B 455 9.96 25.98 10.04
CA VAL B 455 9.04 24.91 10.39
C VAL B 455 8.27 25.27 11.65
N VAL B 456 7.03 24.81 11.71
CA VAL B 456 6.17 24.97 12.88
C VAL B 456 5.74 23.57 13.30
N LEU B 457 5.29 23.46 14.54
CA LEU B 457 5.04 22.16 15.17
C LEU B 457 3.58 22.03 15.58
N TYR B 458 2.96 20.92 15.16
CA TYR B 458 1.63 20.52 15.61
C TYR B 458 1.77 19.22 16.39
N THR B 459 1.24 19.21 17.62
CA THR B 459 1.40 18.07 18.51
C THR B 459 0.05 17.54 18.99
N VAL B 460 0.09 16.30 19.47
CA VAL B 460 -1.03 15.67 20.16
C VAL B 460 -0.45 14.71 21.19
N THR B 461 -1.13 14.57 22.32
CA THR B 461 -0.76 13.61 23.35
C THR B 461 -1.87 12.57 23.49
N ALA B 462 -1.49 11.39 23.95
CA ALA B 462 -2.43 10.30 24.18
C ALA B 462 -2.05 9.56 25.45
N ARG B 463 -3.05 9.08 26.18
CA ARG B 463 -2.84 8.34 27.42
C ARG B 463 -3.44 6.95 27.27
N LEU B 464 -2.61 5.93 27.43
CA LEU B 464 -3.03 4.55 27.24
C LEU B 464 -3.29 3.89 28.58
N LYS B 465 -4.39 3.14 28.65
CA LYS B 465 -4.77 2.42 29.86
C LYS B 465 -4.61 0.91 29.63
N TRP B 466 -4.04 0.22 30.61
CA TRP B 466 -3.80 -1.21 30.51
C TRP B 466 -4.37 -1.95 31.72
N SER B 467 -4.09 -3.24 31.81
CA SER B 467 -4.52 -4.03 32.96
C SER B 467 -3.34 -4.81 33.53
N PRO B 471 -1.54 2.85 32.28
CA PRO B 471 -1.06 4.09 32.90
C PRO B 471 0.22 4.63 32.25
N THR B 472 0.22 4.74 30.92
CA THR B 472 1.34 5.32 30.19
C THR B 472 0.80 6.42 29.26
N ASN B 473 1.73 7.23 28.76
CA ASN B 473 1.39 8.34 27.89
C ASN B 473 2.43 8.46 26.79
N LEU B 474 1.96 8.69 25.56
CA LEU B 474 2.81 8.95 24.42
C LEU B 474 2.50 10.33 23.86
N SER B 475 3.47 10.88 23.13
CA SER B 475 3.34 12.21 22.53
C SER B 475 3.67 12.10 21.06
N ILE B 476 2.68 12.39 20.21
CA ILE B 476 2.85 12.40 18.76
C ILE B 476 3.04 13.84 18.32
N GLN B 477 3.93 14.05 17.34
CA GLN B 477 4.27 15.40 16.92
C GLN B 477 4.55 15.39 15.42
N CYS B 478 4.12 16.47 14.76
CA CYS B 478 4.27 16.61 13.31
C CYS B 478 4.87 17.97 13.00
N TYR B 479 6.06 17.96 12.41
CA TYR B 479 6.72 19.19 11.97
C TYR B 479 6.31 19.49 10.53
N MET B 480 6.07 20.77 10.24
CA MET B 480 5.59 21.19 8.93
C MET B 480 6.22 22.51 8.50
N PRO B 481 6.54 22.68 7.21
CA PRO B 481 7.05 23.98 6.75
C PRO B 481 5.98 25.05 6.77
N LYS B 482 6.44 26.30 6.98
CA LYS B 482 5.51 27.42 7.03
C LYS B 482 5.10 27.89 5.65
N SER B 483 6.03 27.95 4.71
CA SER B 483 5.76 28.47 3.38
C SER B 483 6.25 27.49 2.32
C1 GLC C . -15.08 0.38 -16.10
C2 GLC C . -15.72 1.66 -15.58
C3 GLC C . -15.98 1.57 -14.07
C4 GLC C . -16.74 0.29 -13.76
C5 GLC C . -16.01 -0.90 -14.35
C6 GLC C . -16.76 -2.21 -14.08
O1 GLC C . -13.78 0.23 -15.56
O2 GLC C . -14.86 2.75 -15.83
O3 GLC C . -16.73 2.68 -13.65
O4 GLC C . -16.85 0.15 -12.36
O5 GLC C . -15.87 -0.74 -15.75
O6 GLC C . -16.08 -3.29 -14.69
H1 GLC C . -15.01 0.43 -17.19
H2 GLC C . -16.66 1.81 -16.10
H3 GLC C . -15.02 1.55 -13.56
H4 GLC C . -17.74 0.36 -14.20
H5 GLC C . -15.02 -0.98 -13.90
H61 GLC C . -16.85 -2.36 -13.00
H62 GLC C . -17.77 -2.14 -14.49
HO1 GLC C . -13.19 0.92 -15.94
HO2 GLC C . -14.03 2.65 -15.30
HO6 GLC C . -16.05 -4.05 -14.07
C1 GLC C . -18.05 0.55 -11.74
C2 GLC C . -17.74 1.48 -10.58
C3 GLC C . -16.96 0.75 -9.49
C4 GLC C . -17.70 -0.52 -9.10
C5 GLC C . -18.02 -1.35 -10.33
C6 GLC C . -18.82 -2.59 -9.92
O2 GLC C . -17.00 2.59 -11.05
O3 GLC C . -16.82 1.57 -8.36
O4 GLC C . -16.94 -1.27 -8.19
O5 GLC C . -18.75 -0.58 -11.26
O6 GLC C . -19.50 -3.12 -11.04
H1 GLC C . -18.67 1.08 -12.46
H2 GLC C . -18.68 1.83 -10.15
H3 GLC C . -15.98 0.50 -9.89
H4 GLC C . -18.65 -0.23 -8.63
H5 GLC C . -17.08 -1.69 -10.78
H61 GLC C . -19.53 -2.32 -9.15
H62 GLC C . -18.14 -3.33 -9.51
HO2 GLC C . -16.24 2.26 -11.58
HO3 GLC C . -16.34 2.39 -8.60
HO4 GLC C . -17.51 -1.94 -7.76
HO6 GLC C . -20.44 -3.25 -10.82
C1 GLC D . 22.43 -1.03 6.03
C2 GLC D . 22.33 -2.23 6.95
C3 GLC D . 21.03 -2.20 7.75
C4 GLC D . 20.83 -0.86 8.41
C5 GLC D . 21.06 0.30 7.43
C6 GLC D . 21.01 1.63 8.15
O1 GLC D . 21.40 -1.07 5.08
O2 GLC D . 22.39 -3.41 6.18
O3 GLC D . 21.09 -3.20 8.74
O4 GLC D . 19.52 -0.80 8.93
O5 GLC D . 22.31 0.16 6.81
O6 GLC D . 21.33 2.65 7.22
H1 GLC D . 23.39 -1.03 5.53
H2 GLC D . 23.18 -2.20 7.65
H3 GLC D . 20.21 -2.41 7.06
H4 GLC D . 21.54 -0.77 9.22
H5 GLC D . 20.26 0.27 6.69
H61 GLC D . 21.70 1.62 8.98
H62 GLC D . 20.01 1.81 8.54
HO1 GLC D . 21.55 -1.81 4.46
HO2 GLC D . 21.59 -3.47 5.61
HO6 GLC D . 20.72 3.41 7.35
C1 GLC D . 19.33 -1.20 10.27
C2 GLC D . 18.07 -2.05 10.39
C3 GLC D . 16.82 -1.22 10.06
C4 GLC D . 16.85 0.10 10.84
C5 GLC D . 18.18 0.81 10.68
C6 GLC D . 18.24 2.10 11.52
O2 GLC D . 18.17 -3.14 9.51
O3 GLC D . 15.66 -1.95 10.40
O4 GLC D . 15.80 0.94 10.42
O5 GLC D . 19.22 -0.05 11.08
O6 GLC D . 18.86 3.11 10.75
H1 GLC D . 20.19 -1.79 10.60
H2 GLC D . 17.99 -2.40 11.41
H3 GLC D . 16.83 -1.01 8.99
H4 GLC D . 16.73 -0.13 11.90
H5 GLC D . 18.30 1.08 9.63
H61 GLC D . 18.78 1.90 12.44
H62 GLC D . 17.23 2.41 11.77
HO2 GLC D . 18.42 -2.82 8.62
HO3 GLC D . 15.64 -2.79 9.89
HO4 GLC D . 15.67 1.65 11.08
HO6 GLC D . 19.58 3.52 11.27
C1 NAG E . -23.08 -18.40 13.11
C2 NAG E . -24.49 -18.50 13.69
C3 NAG E . -24.98 -19.94 13.68
C4 NAG E . -24.85 -20.54 12.28
C5 NAG E . -23.42 -20.37 11.78
C6 NAG E . -23.25 -20.83 10.34
C7 NAG E . -25.26 -16.87 15.37
C8 NAG E . -25.20 -16.45 16.80
N2 NAG E . -24.55 -17.95 15.04
O3 NAG E . -26.33 -19.99 14.11
O4 NAG E . -25.19 -21.92 12.31
O5 NAG E . -23.05 -18.99 11.82
O6 NAG E . -21.90 -21.18 10.07
O7 NAG E . -25.93 -16.26 14.53
H1 NAG E . -22.46 -18.88 13.70
H2 NAG E . -25.09 -17.98 13.12
H3 NAG E . -24.43 -20.47 14.30
H4 NAG E . -25.45 -20.06 11.69
H5 NAG E . -22.82 -20.88 12.35
H61 NAG E . -23.52 -20.12 9.74
H62 NAG E . -23.81 -21.62 10.19
H81 NAG E . -24.28 -16.24 17.04
H82 NAG E . -25.76 -15.66 16.93
H83 NAG E . -25.52 -17.17 17.37
HN2 NAG E . -24.06 -18.36 15.70
HO3 NAG E . -26.46 -20.70 14.62
HO4 NAG E . -26.01 -22.02 11.97
HO6 NAG E . -21.82 -21.47 9.23
C1 NAG F . -16.61 -19.01 -11.96
C2 NAG F . -16.71 -18.79 -13.47
C3 NAG F . -16.06 -17.46 -13.86
C4 NAG F . -16.66 -16.31 -13.05
C5 NAG F . -16.53 -16.61 -11.57
C6 NAG F . -17.22 -15.58 -10.71
C7 NAG F . -14.79 -20.14 -14.20
C8 NAG F . -14.34 -21.32 -15.03
N2 NAG F . -16.10 -19.89 -14.21
O3 NAG F . -16.25 -17.23 -15.25
O4 NAG F . -15.98 -15.10 -13.36
O5 NAG F . -17.16 -17.86 -11.27
O6 NAG F . -16.31 -14.63 -10.18
O7 NAG F . -13.99 -19.46 -13.56
H1 NAG F . -15.68 -19.13 -11.70
H2 NAG F . -17.65 -18.74 -13.71
H3 NAG F . -15.09 -17.51 -13.67
H4 NAG F . -17.60 -16.22 -13.29
H5 NAG F . -15.59 -16.65 -11.33
H61 NAG F . -17.67 -16.03 -9.96
H62 NAG F . -17.89 -15.12 -11.23
H81 NAG F . -14.59 -21.16 -15.96
H82 NAG F . -13.37 -21.40 -14.96
H83 NAG F . -14.77 -22.12 -14.70
HN2 NAG F . -16.65 -20.43 -14.70
HO3 NAG F . -15.56 -16.76 -15.56
HO4 NAG F . -16.40 -14.69 -14.02
HO6 NAG F . -16.69 -14.19 -9.52
C1 NAG G . -4.23 18.30 26.84
C2 NAG G . -4.46 18.35 28.35
C3 NAG G . -4.39 19.78 28.85
C4 NAG G . -3.08 20.43 28.43
C5 NAG G . -2.91 20.31 26.92
C6 NAG G . -1.58 20.83 26.43
C7 NAG G . -5.86 16.65 29.45
C8 NAG G . -7.25 16.18 29.71
N2 NAG G . -5.74 17.74 28.70
O3 NAG G . -4.49 19.80 30.28
O4 NAG G . -3.08 21.81 28.79
O5 NAG G . -2.98 18.94 26.53
O6 NAG G . -1.32 20.43 25.09
O7 NAG G . -4.88 16.06 29.90
H1 NAG G . -4.95 18.77 26.39
H2 NAG G . -3.75 17.83 28.78
H3 NAG G . -5.14 20.29 28.48
H4 NAG G . -2.35 19.98 28.87
H5 NAG G . -3.63 20.80 26.48
H61 NAG G . -0.86 20.48 27.01
H62 NAG G . -1.57 21.80 26.48
H81 NAG G . -7.76 16.88 30.18
H82 NAG G . -7.69 15.97 28.87
H83 NAG G . -7.23 15.37 30.27
HN2 NAG G . -6.50 18.15 28.39
HO3 NAG G . -4.99 20.49 30.53
HO4 NAG G . -2.48 21.95 29.43
HO6 NAG G . -0.51 20.71 24.85
C1 NAG H . 14.57 24.11 9.35
C2 NAG H . 16.02 23.92 8.91
C3 NAG H . 16.08 23.53 7.43
C4 NAG H . 15.20 22.33 7.15
C5 NAG H . 13.78 22.60 7.66
C6 NAG H . 12.86 21.42 7.51
C7 NAG H . 17.59 25.29 10.21
C8 NAG H . 18.32 26.60 10.29
N2 NAG H . 16.80 25.13 9.14
O3 NAG H . 17.43 23.24 7.08
O4 NAG H . 15.15 22.06 5.75
O5 NAG H . 13.81 22.93 9.06
O6 NAG H . 11.68 21.75 6.78
O7 NAG H . 17.73 24.42 11.06
H1 NAG H . 14.18 24.86 8.86
H2 NAG H . 16.40 23.20 9.43
H3 NAG H . 15.78 24.29 6.89
H4 NAG H . 15.56 21.55 7.62
H5 NAG H . 13.41 23.36 7.16
H61 NAG H . 12.60 21.09 8.39
H62 NAG H . 13.32 20.71 7.03
H81 NAG H . 18.87 26.62 11.10
H82 NAG H . 17.68 27.33 10.32
H83 NAG H . 18.89 26.71 9.50
HN2 NAG H . 16.74 25.80 8.54
HO3 NAG H . 17.62 23.60 6.29
HO4 NAG H . 15.65 21.35 5.57
HO6 NAG H . 11.07 21.12 6.88
#